data_5MSM
#
_entry.id   5MSM
#
_cell.length_a   58.610
_cell.length_b   164.220
_cell.length_c   60.640
_cell.angle_alpha   90.00
_cell.angle_beta   90.55
_cell.angle_gamma   90.00
#
_symmetry.space_group_name_H-M   'P 1 21 1'
#
loop_
_entity.id
_entity.type
_entity.pdbx_description
1 polymer 'Sister chromatid cohesion protein DCC1'
2 polymer 'Chromosome transmission fidelity protein 8'
3 polymer 'Chromosome transmission fidelity protein 18'
4 water water
#
loop_
_entity_poly.entity_id
_entity_poly.type
_entity_poly.pdbx_seq_one_letter_code
_entity_poly.pdbx_strand_id
1 'polypeptide(L)'
;MSINLHSAPEYDPSYKLIQLTPELLDIIQDPVQNHQLRFKSLDKDKSEVVLCSHDKTWVLKQRKHSNTVLLMREFVPEQP
ITFDETLLFGLSKPYMDVVGFAKTESEFETRETHGELNLNSVPIYNGELDFSDKIMKRSSTKVIGTLEELLENSPCSALE
GISKWHKIGGSVKDGVLCILSQDFLFKALHVLLMSAMAESLDLQHLNVEDTHHAVGKDIEDEFNPYTREIIETVLNKFAV
QEQEAENNTWRLRIPFIAQWYGIQALRKYVSGISMPIDEFLIKWKSLFPPFFPCDIDIDMLRGYHFKPTDKTVQYIAKST
LPMDPKERFKVLFRLQSQWDLEDIKPLIEELNSRGMKIDSFIMKYARRKRLGKKTVVTSR
;
A,D
2 'polypeptide(L)'
;MPSVDIDASQWQKLTQSREKQTTVITPLGMMMLEIQGELELPKDFASLARRDSPNEGRFSEQDGETLIRFGSLQIDGERA
TLFVGKKQRLLGKVTKLDVPMGIMHFNSKDNKVELVDVMKYKVIFKDRPLPIM
;
B,E
3 'polypeptide(L)' SGKVKTGLNSSSSTIDFFKNQYGLLKQTQELEETQKTIGSDETNQADDCNQTVKIWVKYNEGFSNAVRKNVTWNNLWE C,F
#
# COMPACT_ATOMS: atom_id res chain seq x y z
N SER A 2 23.44 -4.02 18.98
CA SER A 2 22.07 -4.27 18.55
C SER A 2 21.59 -3.16 17.64
N ILE A 3 20.47 -3.42 16.99
CA ILE A 3 19.86 -2.44 16.10
C ILE A 3 18.51 -2.00 16.65
N ASN A 4 18.32 -0.68 16.85
CA ASN A 4 17.00 -0.14 17.24
C ASN A 4 16.01 -0.21 16.08
N LEU A 5 14.78 -0.68 16.38
CA LEU A 5 13.75 -0.88 15.38
C LEU A 5 12.61 0.11 15.57
N HIS A 6 12.35 0.88 14.52
CA HIS A 6 11.31 1.89 14.54
C HIS A 6 10.27 1.59 13.46
N SER A 7 9.07 2.13 13.66
CA SER A 7 8.04 1.98 12.68
C SER A 7 7.35 3.32 12.50
N ALA A 8 6.96 3.55 11.26
CA ALA A 8 6.24 4.74 10.88
C ALA A 8 4.79 4.50 11.24
N PRO A 9 4.00 5.57 11.35
CA PRO A 9 2.56 5.42 11.57
C PRO A 9 1.82 4.95 10.33
N GLU A 10 2.34 5.27 9.15
CA GLU A 10 1.72 4.79 7.91
C GLU A 10 2.70 4.07 7.04
N TYR A 11 2.34 2.90 6.56
CA TYR A 11 3.21 2.23 5.58
C TYR A 11 2.85 2.69 4.16
N ASP A 12 3.78 2.57 3.22
CA ASP A 12 3.49 2.97 1.83
C ASP A 12 3.35 1.75 0.94
N PRO A 13 2.15 1.51 0.41
CA PRO A 13 1.93 0.29 -0.35
C PRO A 13 2.41 0.38 -1.81
N SER A 14 2.99 1.51 -2.19
CA SER A 14 3.60 1.64 -3.51
C SER A 14 4.90 0.81 -3.57
N TYR A 15 5.44 0.43 -2.41
CA TYR A 15 6.57 -0.51 -2.36
C TYR A 15 6.09 -1.96 -2.36
N LYS A 16 6.56 -2.77 -3.31
CA LYS A 16 6.12 -4.17 -3.43
C LYS A 16 7.31 -5.07 -3.75
N LEU A 17 7.18 -6.35 -3.39
CA LEU A 17 8.26 -7.34 -3.58
C LEU A 17 8.04 -8.21 -4.80
N ILE A 18 9.07 -8.31 -5.64
CA ILE A 18 9.02 -9.10 -6.87
C ILE A 18 10.11 -10.15 -6.85
N GLN A 19 9.78 -11.39 -7.21
CA GLN A 19 10.82 -12.41 -7.33
C GLN A 19 11.74 -12.10 -8.49
N LEU A 20 13.04 -12.14 -8.22
CA LEU A 20 14.07 -12.00 -9.24
C LEU A 20 14.79 -13.32 -9.38
N THR A 21 14.32 -14.11 -10.35
CA THR A 21 14.92 -15.38 -10.71
C THR A 21 16.31 -15.10 -11.26
N PRO A 22 17.17 -16.13 -11.35
CA PRO A 22 18.56 -15.84 -11.72
C PRO A 22 18.76 -14.99 -12.96
N GLU A 23 17.99 -15.26 -14.00
CA GLU A 23 18.08 -14.55 -15.27
C GLU A 23 17.65 -13.08 -15.19
N LEU A 24 16.53 -12.86 -14.51
CA LEU A 24 15.98 -11.53 -14.26
C LEU A 24 16.95 -10.71 -13.41
N LEU A 25 17.54 -11.39 -12.42
CA LEU A 25 18.53 -10.80 -11.56
C LEU A 25 19.72 -10.32 -12.38
N ASP A 26 20.20 -11.15 -13.30
CA ASP A 26 21.39 -10.79 -14.07
C ASP A 26 21.14 -9.59 -14.94
N ILE A 27 19.93 -9.51 -15.49
CA ILE A 27 19.57 -8.40 -16.35
C ILE A 27 19.50 -7.11 -15.55
N ILE A 28 18.93 -7.19 -14.36
CA ILE A 28 18.75 -6.03 -13.48
C ILE A 28 20.11 -5.45 -13.08
N GLN A 29 21.13 -6.30 -13.08
CA GLN A 29 22.55 -5.92 -12.96
C GLN A 29 23.28 -6.04 -14.31
N ASP A 30 23.02 -5.17 -15.29
CA ASP A 30 23.63 -5.40 -16.62
C ASP A 30 24.96 -4.63 -16.90
N PRO A 31 24.96 -3.27 -16.87
CA PRO A 31 24.20 -2.22 -16.21
C PRO A 31 22.76 -2.04 -16.71
N HIS A 35 16.98 0.11 -18.77
CA HIS A 35 15.56 -0.04 -19.13
C HIS A 35 15.29 -1.28 -19.97
N GLN A 36 15.99 -2.36 -19.70
CA GLN A 36 15.86 -3.54 -20.53
C GLN A 36 14.69 -4.40 -20.09
N LEU A 37 14.14 -4.14 -18.90
CA LEU A 37 12.94 -4.86 -18.47
C LEU A 37 11.70 -3.96 -18.50
N ARG A 38 10.57 -4.53 -18.92
CA ARG A 38 9.37 -3.75 -19.19
C ARG A 38 8.12 -4.48 -18.70
N PHE A 39 7.22 -3.77 -18.02
CA PHE A 39 5.88 -4.32 -17.70
C PHE A 39 4.93 -3.94 -18.85
N LYS A 40 4.00 -4.83 -19.17
CA LYS A 40 3.07 -4.58 -20.27
C LYS A 40 1.72 -5.18 -19.94
N SER A 41 0.66 -4.55 -20.43
CA SER A 41 -0.65 -5.18 -20.35
C SER A 41 -1.57 -4.60 -21.43
N LEU A 42 -2.54 -5.39 -21.86
CA LEU A 42 -3.48 -4.88 -22.86
C LEU A 42 -4.29 -3.72 -22.32
N ASP A 43 -4.63 -3.79 -21.04
CA ASP A 43 -5.47 -2.77 -20.43
C ASP A 43 -5.11 -2.51 -18.99
N LYS A 44 -5.91 -1.69 -18.32
CA LYS A 44 -5.62 -1.31 -16.94
C LYS A 44 -6.32 -2.13 -15.84
N ASP A 45 -7.51 -2.67 -16.13
CA ASP A 45 -8.33 -3.30 -15.11
C ASP A 45 -8.58 -4.79 -15.32
N LYS A 46 -8.11 -5.36 -16.42
CA LYS A 46 -8.58 -6.69 -16.82
C LYS A 46 -7.49 -7.74 -17.00
N SER A 47 -6.62 -7.47 -17.94
CA SER A 47 -5.68 -8.46 -18.46
C SER A 47 -4.43 -8.66 -17.63
N GLU A 48 -3.81 -9.82 -17.85
CA GLU A 48 -2.58 -10.19 -17.18
C GLU A 48 -1.54 -9.11 -17.38
N VAL A 49 -0.69 -8.92 -16.38
CA VAL A 49 0.50 -8.09 -16.54
C VAL A 49 1.67 -9.00 -16.86
N VAL A 50 2.46 -8.65 -17.88
CA VAL A 50 3.65 -9.41 -18.16
C VAL A 50 4.89 -8.55 -18.01
N LEU A 51 6.00 -9.23 -17.83
CA LEU A 51 7.29 -8.59 -17.67
C LEU A 51 8.14 -9.10 -18.82
N CYS A 52 8.75 -8.19 -19.56
CA CYS A 52 9.46 -8.54 -20.79
C CYS A 52 10.85 -8.01 -20.78
N SER A 53 11.79 -8.86 -21.16
CA SER A 53 13.08 -8.38 -21.69
C SER A 53 12.92 -8.28 -23.22
N HIS A 54 14.04 -8.05 -23.92
CA HIS A 54 14.03 -7.97 -25.38
C HIS A 54 13.67 -9.30 -26.02
N ASP A 55 13.79 -10.32 -25.21
CA ASP A 55 13.99 -11.67 -25.67
C ASP A 55 13.11 -12.73 -24.94
N LYS A 56 12.50 -12.34 -23.84
CA LYS A 56 11.78 -13.28 -22.98
C LYS A 56 10.58 -12.66 -22.31
N THR A 57 9.67 -13.50 -21.85
CA THR A 57 8.47 -13.03 -21.16
C THR A 57 8.17 -13.76 -19.87
N TRP A 58 7.84 -12.99 -18.84
CA TRP A 58 7.41 -13.59 -17.59
C TRP A 58 6.01 -13.09 -17.29
N VAL A 59 5.24 -13.94 -16.63
CA VAL A 59 3.95 -13.52 -16.12
C VAL A 59 4.05 -13.27 -14.62
N LEU A 60 3.32 -12.27 -14.14
CA LEU A 60 3.23 -11.93 -12.73
C LEU A 60 2.06 -12.61 -12.04
N LYS A 61 2.29 -13.13 -10.85
CA LYS A 61 1.20 -13.62 -10.02
C LYS A 61 1.40 -13.11 -8.62
N GLN A 62 0.33 -12.91 -7.88
CA GLN A 62 0.52 -12.49 -6.52
C GLN A 62 -0.03 -13.52 -5.56
N ARG A 63 0.69 -13.71 -4.45
CA ARG A 63 0.35 -14.71 -3.43
C ARG A 63 0.39 -14.06 -2.05
N LYS A 64 -0.78 -13.90 -1.45
CA LYS A 64 -0.87 -13.40 -0.08
C LYS A 64 -0.37 -14.45 0.92
N HIS A 65 0.18 -13.97 2.05
CA HIS A 65 0.60 -14.85 3.15
C HIS A 65 0.17 -14.23 4.49
N SER A 66 0.35 -14.98 5.58
CA SER A 66 -0.20 -14.59 6.88
C SER A 66 0.78 -13.94 7.89
N ASN A 67 2.07 -13.87 7.55
CA ASN A 67 3.05 -13.27 8.45
C ASN A 67 3.15 -11.78 8.29
N THR A 68 3.85 -11.16 9.24
CA THR A 68 4.25 -9.76 9.12
C THR A 68 5.58 -9.67 8.34
N VAL A 69 5.63 -8.84 7.29
CA VAL A 69 6.92 -8.56 6.68
C VAL A 69 7.10 -7.07 6.63
N LEU A 70 8.09 -6.58 7.38
CA LEU A 70 8.47 -5.20 7.34
C LEU A 70 9.74 -5.01 6.54
N LEU A 71 9.70 -4.04 5.63
CA LEU A 71 10.88 -3.58 4.92
C LEU A 71 11.41 -2.43 5.75
N MET A 72 12.68 -2.50 6.11
CA MET A 72 13.22 -1.49 7.01
C MET A 72 14.44 -0.86 6.34
N ARG A 73 14.66 0.43 6.58
CA ARG A 73 15.83 1.13 6.06
C ARG A 73 16.57 1.83 7.19
N GLU A 74 17.89 1.82 7.09
CA GLU A 74 18.72 2.61 7.95
C GLU A 74 18.31 4.08 7.88
N PHE A 75 18.21 4.76 9.02
CA PHE A 75 18.06 6.21 9.02
C PHE A 75 19.00 6.82 10.06
N VAL A 76 19.28 8.11 9.90
CA VAL A 76 20.14 8.87 10.80
C VAL A 76 19.26 9.71 11.69
N PRO A 77 19.25 9.43 13.00
CA PRO A 77 18.29 10.20 13.79
C PRO A 77 18.65 11.68 13.87
N GLU A 78 17.63 12.52 13.78
CA GLU A 78 17.76 13.96 13.97
C GLU A 78 18.33 14.28 15.35
N GLN A 79 17.83 13.57 16.37
CA GLN A 79 18.34 13.67 17.74
C GLN A 79 18.77 12.27 18.14
N PRO A 80 19.76 12.12 19.04
CA PRO A 80 20.11 10.75 19.44
C PRO A 80 18.93 10.04 20.10
N ILE A 81 18.79 8.74 19.83
CA ILE A 81 17.70 7.96 20.40
C ILE A 81 18.12 7.46 21.79
N THR A 82 17.62 8.14 22.82
CA THR A 82 17.97 7.81 24.20
C THR A 82 16.75 7.25 24.92
N PHE A 83 16.99 6.21 25.72
CA PHE A 83 15.97 5.54 26.53
C PHE A 83 16.68 4.71 27.60
N ASP A 84 15.99 4.41 28.70
CA ASP A 84 16.57 3.50 29.67
C ASP A 84 16.44 2.05 29.21
N GLU A 85 17.55 1.36 29.01
CA GLU A 85 17.51 -0.09 28.88
C GLU A 85 17.41 -0.70 30.30
N THR A 86 16.45 -1.62 30.53
CA THR A 86 16.27 -2.12 31.89
C THR A 86 16.83 -3.50 32.19
N LEU A 87 17.06 -4.30 31.17
CA LEU A 87 17.69 -5.59 31.41
C LEU A 87 19.03 -5.61 30.72
N LEU A 88 19.90 -6.46 31.22
CA LEU A 88 21.07 -6.82 30.44
C LEU A 88 20.70 -7.61 29.19
N PHE A 89 20.12 -8.78 29.44
CA PHE A 89 20.74 -9.98 28.94
C PHE A 89 20.48 -10.29 27.50
N GLY A 90 21.56 -10.62 26.81
CA GLY A 90 21.59 -10.81 25.38
C GLY A 90 21.11 -9.59 24.64
N LEU A 91 21.61 -8.40 25.00
CA LEU A 91 21.28 -7.24 24.20
C LEU A 91 22.42 -6.21 24.29
N SER A 92 23.27 -6.14 23.26
CA SER A 92 24.35 -5.15 23.22
C SER A 92 23.82 -3.74 22.99
N LYS A 93 24.68 -2.74 23.15
CA LYS A 93 24.27 -1.34 22.98
C LYS A 93 23.84 -1.06 21.53
N PRO A 94 22.85 -0.16 21.32
CA PRO A 94 22.43 0.12 19.94
C PRO A 94 23.57 0.73 19.14
N TYR A 95 23.78 0.31 17.90
CA TYR A 95 24.76 1.02 17.08
C TYR A 95 24.17 1.61 15.82
N MET A 96 22.92 1.27 15.51
CA MET A 96 22.23 1.94 14.41
C MET A 96 20.73 1.82 14.58
N ASP A 97 20.02 2.59 13.79
CA ASP A 97 18.56 2.64 13.80
C ASP A 97 17.99 2.31 12.44
N VAL A 98 16.97 1.47 12.41
CA VAL A 98 16.24 1.23 11.16
C VAL A 98 14.76 1.49 11.34
N VAL A 99 14.10 1.93 10.26
CA VAL A 99 12.66 2.19 10.26
C VAL A 99 11.86 1.37 9.24
N GLY A 100 10.75 0.78 9.67
CA GLY A 100 9.89 0.06 8.76
C GLY A 100 9.11 1.03 7.91
N PHE A 101 9.41 1.08 6.61
CA PHE A 101 8.69 1.99 5.70
C PHE A 101 7.60 1.29 4.90
N ALA A 102 7.67 -0.02 4.75
CA ALA A 102 6.60 -0.77 4.08
C ALA A 102 6.35 -2.09 4.79
N LYS A 103 5.10 -2.51 4.75
CA LYS A 103 4.66 -3.77 5.31
C LYS A 103 3.91 -4.54 4.24
N THR A 104 4.48 -5.66 3.79
CA THR A 104 3.92 -6.40 2.67
C THR A 104 3.25 -7.68 3.16
N GLU A 105 2.06 -7.98 2.63
CA GLU A 105 1.29 -9.19 2.99
C GLU A 105 1.22 -10.19 1.83
N SER A 106 2.07 -9.99 0.81
CA SER A 106 2.10 -10.82 -0.38
C SER A 106 3.39 -10.64 -1.15
N GLU A 107 3.72 -11.61 -2.01
CA GLU A 107 4.80 -11.50 -2.98
C GLU A 107 4.27 -11.49 -4.41
N PHE A 108 4.94 -10.77 -5.29
CA PHE A 108 4.62 -10.94 -6.69
C PHE A 108 5.58 -11.95 -7.23
N GLU A 109 5.04 -13.08 -7.71
CA GLU A 109 5.87 -14.16 -8.19
C GLU A 109 6.03 -13.99 -9.71
N THR A 110 7.18 -14.39 -10.24
CA THR A 110 7.50 -14.20 -11.65
C THR A 110 7.78 -15.55 -12.26
N ARG A 111 6.99 -15.93 -13.25
CA ARG A 111 7.12 -17.25 -13.84
C ARG A 111 7.30 -17.17 -15.35
N GLU A 112 8.28 -17.89 -15.88
CA GLU A 112 8.52 -17.98 -17.32
C GLU A 112 7.22 -18.32 -18.02
N THR A 113 6.95 -17.67 -19.16
CA THR A 113 5.73 -17.93 -19.93
C THR A 113 6.05 -17.84 -21.42
N HIS A 114 5.21 -18.43 -22.26
CA HIS A 114 5.42 -18.30 -23.71
C HIS A 114 4.80 -17.02 -24.18
N GLY A 115 5.63 -16.13 -24.73
CA GLY A 115 5.10 -14.92 -25.32
C GLY A 115 4.12 -15.25 -26.43
N GLU A 116 3.07 -14.45 -26.63
CA GLU A 116 2.15 -14.65 -27.75
C GLU A 116 1.77 -13.33 -28.40
N LEU A 117 1.28 -13.40 -29.63
CA LEU A 117 0.80 -12.22 -30.34
C LEU A 117 -0.67 -11.95 -30.07
N ASN A 118 -1.03 -10.67 -30.01
CA ASN A 118 -2.42 -10.24 -29.94
C ASN A 118 -2.90 -9.97 -31.37
N LEU A 119 -3.69 -10.87 -31.92
CA LEU A 119 -4.04 -10.78 -33.34
C LEU A 119 -5.46 -10.29 -33.64
N ASN A 120 -5.97 -9.28 -32.95
CA ASN A 120 -7.41 -9.13 -33.00
C ASN A 120 -8.03 -8.41 -34.20
N SER A 121 -7.51 -7.26 -34.59
CA SER A 121 -8.12 -6.63 -35.77
C SER A 121 -7.42 -7.03 -37.08
N VAL A 122 -6.70 -8.14 -37.05
CA VAL A 122 -5.77 -8.49 -38.13
C VAL A 122 -6.38 -9.52 -39.07
N PRO A 123 -6.70 -9.12 -40.32
CA PRO A 123 -7.37 -10.00 -41.28
C PRO A 123 -6.47 -11.05 -41.97
N ILE A 124 -7.09 -12.12 -42.48
CA ILE A 124 -6.44 -13.10 -43.37
C ILE A 124 -6.39 -12.55 -44.80
N TYR A 125 -5.26 -12.74 -45.48
CA TYR A 125 -5.13 -12.33 -46.87
C TYR A 125 -5.01 -13.57 -47.74
N ASN A 126 -5.81 -13.65 -48.80
CA ASN A 126 -5.91 -14.89 -49.59
C ASN A 126 -5.46 -14.90 -51.07
N GLY A 127 -4.87 -13.83 -51.60
CA GLY A 127 -5.34 -12.49 -51.45
C GLY A 127 -5.52 -11.94 -52.85
N GLU A 128 -6.73 -11.57 -53.25
CA GLU A 128 -6.86 -10.88 -54.51
C GLU A 128 -6.52 -9.42 -54.19
N LEU A 129 -6.28 -8.59 -55.19
CA LEU A 129 -5.97 -7.18 -54.97
C LEU A 129 -7.36 -6.58 -54.85
N ASP A 130 -7.48 -5.28 -54.56
CA ASP A 130 -8.75 -4.75 -54.07
C ASP A 130 -9.04 -5.48 -52.74
N PHE A 131 -8.01 -5.49 -51.90
CA PHE A 131 -8.10 -5.93 -50.51
C PHE A 131 -8.89 -4.96 -49.63
N SER A 132 -9.18 -3.77 -50.16
CA SER A 132 -10.06 -2.80 -49.50
C SER A 132 -11.34 -3.42 -48.91
N ASP A 133 -11.92 -4.39 -49.61
CA ASP A 133 -13.14 -5.06 -49.15
C ASP A 133 -12.95 -5.73 -47.81
N LYS A 134 -12.01 -6.66 -47.74
CA LYS A 134 -11.67 -7.37 -46.51
C LYS A 134 -11.18 -6.45 -45.41
N ILE A 135 -10.59 -5.32 -45.80
CA ILE A 135 -10.19 -4.34 -44.81
C ILE A 135 -11.39 -3.66 -44.18
N MET A 136 -12.37 -3.27 -44.99
CA MET A 136 -13.56 -2.59 -44.46
C MET A 136 -14.72 -3.47 -43.99
N LYS A 137 -14.69 -4.76 -44.31
CA LYS A 137 -15.72 -5.63 -43.74
C LYS A 137 -15.17 -6.41 -42.54
N ARG A 138 -14.34 -5.74 -41.74
CA ARG A 138 -13.65 -6.36 -40.59
C ARG A 138 -14.29 -6.16 -39.20
N SER A 139 -13.71 -6.86 -38.22
CA SER A 139 -13.98 -6.66 -36.79
C SER A 139 -14.02 -5.21 -36.33
N SER A 140 -12.84 -4.61 -36.19
CA SER A 140 -12.76 -3.23 -35.77
C SER A 140 -12.90 -2.28 -36.95
N THR A 141 -12.84 -0.99 -36.68
CA THR A 141 -12.62 -0.02 -37.72
C THR A 141 -11.14 0.36 -37.66
N LYS A 142 -10.64 0.52 -36.45
CA LYS A 142 -9.24 0.82 -36.22
C LYS A 142 -8.31 -0.13 -36.95
N VAL A 143 -7.25 0.43 -37.52
CA VAL A 143 -6.25 -0.35 -38.22
C VAL A 143 -5.00 -0.49 -37.38
N ILE A 144 -4.48 -1.72 -37.33
CA ILE A 144 -3.13 -1.96 -36.85
C ILE A 144 -2.25 -1.92 -38.10
N GLY A 145 -1.44 -0.88 -38.23
CA GLY A 145 -0.68 -0.68 -39.45
C GLY A 145 0.71 -1.31 -39.39
N THR A 146 1.32 -1.23 -38.22
CA THR A 146 2.72 -1.59 -38.05
C THR A 146 2.93 -2.74 -37.09
N LEU A 147 4.03 -3.45 -37.29
CA LEU A 147 4.40 -4.57 -36.47
C LEU A 147 4.72 -4.10 -35.05
N GLU A 148 5.26 -2.88 -34.95
CA GLU A 148 5.58 -2.27 -33.67
C GLU A 148 4.32 -2.05 -32.85
N GLU A 149 3.27 -1.57 -33.52
CA GLU A 149 1.99 -1.39 -32.85
C GLU A 149 1.46 -2.76 -32.42
N LEU A 150 1.54 -3.74 -33.31
CA LEU A 150 1.13 -5.09 -32.97
C LEU A 150 1.87 -5.57 -31.72
N LEU A 151 3.19 -5.41 -31.70
CA LEU A 151 4.01 -5.89 -30.58
C LEU A 151 3.66 -5.15 -29.29
N GLU A 152 3.48 -3.84 -29.40
CA GLU A 152 3.17 -3.00 -28.24
C GLU A 152 1.91 -3.44 -27.54
N ASN A 153 0.98 -3.98 -28.30
CA ASN A 153 -0.26 -4.47 -27.74
C ASN A 153 -0.29 -5.99 -27.58
N SER A 154 0.88 -6.59 -27.35
CA SER A 154 0.99 -8.03 -27.25
C SER A 154 1.62 -8.47 -25.95
N PRO A 155 1.19 -9.63 -25.42
CA PRO A 155 1.82 -10.22 -24.24
C PRO A 155 3.05 -11.04 -24.62
N CYS A 156 4.12 -10.37 -25.08
CA CYS A 156 5.35 -11.04 -25.48
C CYS A 156 6.49 -10.04 -25.71
N SER A 157 7.70 -10.57 -25.84
CA SER A 157 8.89 -9.75 -26.09
C SER A 157 9.05 -9.44 -27.56
N ALA A 158 9.88 -8.43 -27.82
CA ALA A 158 10.17 -8.00 -29.16
C ALA A 158 10.55 -9.20 -30.00
N LEU A 159 11.54 -9.96 -29.57
CA LEU A 159 12.05 -11.07 -30.38
C LEU A 159 11.11 -12.26 -30.46
N GLU A 160 10.40 -12.54 -29.38
CA GLU A 160 9.40 -13.59 -29.45
C GLU A 160 8.34 -13.21 -30.48
N GLY A 161 7.96 -11.93 -30.50
CA GLY A 161 6.89 -11.46 -31.35
C GLY A 161 7.28 -11.52 -32.82
N ILE A 162 8.44 -10.95 -33.14
CA ILE A 162 8.98 -10.98 -34.51
C ILE A 162 9.05 -12.41 -35.01
N SER A 163 9.57 -13.29 -34.18
CA SER A 163 9.71 -14.70 -34.53
C SER A 163 8.37 -15.39 -34.83
N LYS A 164 7.34 -15.10 -34.03
CA LYS A 164 6.01 -15.65 -34.28
C LYS A 164 5.38 -15.03 -35.53
N TRP A 165 5.58 -13.72 -35.70
CA TRP A 165 5.11 -13.00 -36.90
C TRP A 165 5.62 -13.69 -38.17
N HIS A 166 6.91 -13.99 -38.18
CA HIS A 166 7.52 -14.72 -39.29
C HIS A 166 6.99 -16.13 -39.42
N LYS A 167 6.62 -16.77 -38.31
CA LYS A 167 6.28 -18.18 -38.39
C LYS A 167 4.83 -18.40 -38.82
N ILE A 168 3.95 -17.45 -38.51
CA ILE A 168 2.57 -17.55 -38.94
C ILE A 168 2.35 -16.88 -40.29
N GLY A 169 3.41 -16.29 -40.85
CA GLY A 169 3.28 -15.73 -42.17
C GLY A 169 2.56 -14.39 -42.12
N GLY A 170 2.95 -13.55 -41.16
CA GLY A 170 2.43 -12.20 -41.12
C GLY A 170 2.98 -11.38 -42.27
N SER A 171 2.18 -10.41 -42.72
CA SER A 171 2.51 -9.52 -43.83
C SER A 171 1.80 -8.18 -43.66
N VAL A 172 1.92 -7.30 -44.65
CA VAL A 172 1.13 -6.06 -44.66
C VAL A 172 0.64 -5.82 -46.09
N LYS A 173 -0.56 -5.26 -46.21
CA LYS A 173 -1.12 -4.83 -47.48
C LYS A 173 -1.91 -3.54 -47.36
N ASP A 174 -1.60 -2.60 -48.25
CA ASP A 174 -2.26 -1.30 -48.25
C ASP A 174 -2.22 -0.65 -46.88
N GLY A 175 -1.10 -0.83 -46.17
CA GLY A 175 -0.88 -0.18 -44.88
C GLY A 175 -1.62 -0.85 -43.75
N VAL A 176 -2.04 -2.10 -43.98
CA VAL A 176 -2.86 -2.85 -43.03
C VAL A 176 -2.22 -4.20 -42.73
N LEU A 177 -1.82 -4.44 -41.48
CA LEU A 177 -1.23 -5.73 -41.17
C LEU A 177 -2.23 -6.83 -41.54
N CYS A 178 -1.73 -7.97 -41.98
CA CYS A 178 -2.57 -9.10 -42.32
C CYS A 178 -1.79 -10.39 -42.15
N ILE A 179 -2.49 -11.51 -42.19
CA ILE A 179 -1.87 -12.80 -42.14
C ILE A 179 -2.21 -13.55 -43.41
N LEU A 180 -1.22 -14.20 -44.01
CA LEU A 180 -1.43 -14.90 -45.27
C LEU A 180 -2.17 -16.22 -44.98
N SER A 181 -3.13 -16.58 -45.82
CA SER A 181 -3.82 -17.88 -45.69
C SER A 181 -2.86 -19.01 -46.04
N GLN A 182 -3.11 -20.20 -45.54
CA GLN A 182 -2.23 -21.32 -45.86
C GLN A 182 -2.12 -21.51 -47.36
N ASP A 183 -3.24 -21.42 -48.08
CA ASP A 183 -3.22 -21.61 -49.53
C ASP A 183 -2.36 -20.56 -50.24
N PHE A 184 -2.59 -19.29 -49.96
CA PHE A 184 -1.84 -18.25 -50.64
C PHE A 184 -0.36 -18.25 -50.23
N LEU A 185 -0.10 -18.56 -48.97
CA LEU A 185 1.28 -18.67 -48.48
C LEU A 185 2.00 -19.70 -49.31
N PHE A 186 1.40 -20.87 -49.39
CA PHE A 186 1.96 -21.98 -50.15
C PHE A 186 2.07 -21.59 -51.64
N LYS A 187 1.01 -20.97 -52.17
CA LYS A 187 1.04 -20.56 -53.59
C LYS A 187 2.15 -19.54 -53.83
N ALA A 188 2.25 -18.55 -52.95
CA ALA A 188 3.31 -17.56 -53.01
C ALA A 188 4.72 -18.21 -52.96
N LEU A 189 4.87 -19.26 -52.16
CA LEU A 189 6.14 -19.96 -52.12
C LEU A 189 6.40 -20.58 -53.48
N HIS A 190 5.40 -21.29 -53.99
CA HIS A 190 5.55 -21.92 -55.29
C HIS A 190 5.98 -20.94 -56.37
N VAL A 191 5.34 -19.78 -56.44
CA VAL A 191 5.67 -18.80 -57.48
C VAL A 191 7.04 -18.19 -57.26
N LEU A 192 7.38 -17.92 -56.01
CA LEU A 192 8.71 -17.40 -55.71
C LEU A 192 9.77 -18.41 -56.10
N LEU A 193 9.58 -19.68 -55.77
CA LEU A 193 10.54 -20.72 -56.17
C LEU A 193 10.67 -20.83 -57.70
N MET A 194 9.54 -20.94 -58.39
CA MET A 194 9.54 -21.01 -59.86
C MET A 194 10.36 -19.92 -60.48
N SER A 195 10.09 -18.69 -60.04
CA SER A 195 10.73 -17.51 -60.59
C SER A 195 12.21 -17.46 -60.27
N ALA A 196 12.57 -17.91 -59.08
CA ALA A 196 13.97 -17.82 -58.67
C ALA A 196 14.85 -18.69 -59.56
N MET A 197 14.40 -19.90 -59.86
CA MET A 197 15.16 -20.72 -60.80
C MET A 197 15.14 -20.17 -62.18
N ALA A 198 14.00 -19.62 -62.61
CA ALA A 198 13.87 -19.10 -63.96
C ALA A 198 14.87 -17.99 -64.21
N GLU A 199 15.23 -17.23 -63.17
CA GLU A 199 16.21 -16.16 -63.34
C GLU A 199 17.59 -16.48 -62.79
N SER A 200 17.78 -17.75 -62.42
CA SER A 200 19.08 -18.22 -61.98
C SER A 200 19.57 -17.49 -60.74
N LEU A 201 18.65 -17.26 -59.81
CA LEU A 201 18.98 -16.59 -58.55
C LEU A 201 19.73 -17.52 -57.59
N ASP A 202 20.56 -16.93 -56.76
CA ASP A 202 21.24 -17.65 -55.69
C ASP A 202 20.27 -17.96 -54.55
N LEU A 203 19.81 -19.20 -54.47
CA LEU A 203 18.89 -19.59 -53.39
C LEU A 203 19.50 -19.58 -51.96
N GLN A 204 20.81 -19.45 -51.86
CA GLN A 204 21.43 -19.29 -50.56
C GLN A 204 21.49 -17.83 -50.14
N HIS A 205 21.36 -16.93 -51.12
CA HIS A 205 21.54 -15.51 -50.90
C HIS A 205 20.50 -14.67 -51.64
N LEU A 206 19.23 -14.84 -51.31
CA LEU A 206 18.14 -14.06 -51.93
C LEU A 206 17.94 -12.74 -51.19
N ASN A 207 17.44 -11.73 -51.90
CA ASN A 207 17.06 -10.45 -51.28
C ASN A 207 15.67 -10.05 -51.79
N VAL A 208 14.99 -9.13 -51.11
CA VAL A 208 13.60 -8.81 -51.48
C VAL A 208 13.49 -8.22 -52.88
N GLU A 209 14.37 -7.28 -53.18
CA GLU A 209 14.30 -6.53 -54.43
C GLU A 209 14.44 -7.46 -55.65
N ASP A 210 15.52 -8.24 -55.71
CA ASP A 210 15.77 -9.07 -56.90
C ASP A 210 14.70 -10.13 -57.08
N THR A 211 14.29 -10.72 -55.97
CA THR A 211 13.29 -11.76 -55.95
C THR A 211 11.92 -11.21 -56.33
N HIS A 212 11.56 -10.05 -55.79
CA HIS A 212 10.36 -9.36 -56.23
C HIS A 212 10.36 -9.09 -57.72
N HIS A 213 11.46 -8.55 -58.22
CA HIS A 213 11.60 -8.29 -59.64
C HIS A 213 11.44 -9.55 -60.48
N ALA A 214 12.10 -10.63 -60.04
CA ALA A 214 12.03 -11.92 -60.72
C ALA A 214 10.61 -12.43 -60.88
N VAL A 215 9.79 -12.19 -59.87
CA VAL A 215 8.42 -12.67 -59.86
C VAL A 215 7.50 -11.89 -60.78
N GLY A 216 7.62 -10.56 -60.76
CA GLY A 216 6.67 -9.69 -61.43
C GLY A 216 7.10 -8.98 -62.71
N LYS A 217 8.36 -9.12 -63.12
CA LYS A 217 8.87 -8.38 -64.28
C LYS A 217 8.07 -8.59 -65.58
N ASP A 218 7.47 -9.77 -65.74
CA ASP A 218 6.64 -10.04 -66.92
C ASP A 218 5.16 -10.14 -66.57
N ILE A 219 4.79 -9.57 -65.43
CA ILE A 219 3.39 -9.53 -65.05
C ILE A 219 2.96 -8.09 -64.95
N GLU A 220 1.74 -7.83 -65.39
CA GLU A 220 1.11 -6.53 -65.27
C GLU A 220 0.87 -6.31 -63.78
N ASP A 221 1.30 -5.18 -63.25
CA ASP A 221 1.19 -4.90 -61.82
C ASP A 221 -0.19 -5.05 -61.18
N GLU A 222 -1.20 -4.49 -61.82
CA GLU A 222 -2.53 -4.47 -61.22
C GLU A 222 -3.10 -5.89 -61.04
N PHE A 223 -2.48 -6.88 -61.68
CA PHE A 223 -2.80 -8.29 -61.43
C PHE A 223 -1.71 -9.04 -60.65
N ASN A 224 -0.79 -8.31 -60.01
CA ASN A 224 0.29 -8.93 -59.25
C ASN A 224 0.15 -8.67 -57.75
N PRO A 225 -0.22 -9.72 -57.00
CA PRO A 225 -0.38 -9.66 -55.54
C PRO A 225 0.94 -9.88 -54.78
N TYR A 226 1.96 -10.35 -55.48
CA TYR A 226 3.23 -10.65 -54.84
C TYR A 226 4.00 -9.35 -54.67
N THR A 227 3.56 -8.52 -53.75
CA THR A 227 4.25 -7.26 -53.48
C THR A 227 5.54 -7.56 -52.70
N ARG A 228 6.35 -6.52 -52.49
CA ARG A 228 7.60 -6.66 -51.78
C ARG A 228 7.32 -7.16 -50.37
N GLU A 229 6.20 -6.73 -49.82
CA GLU A 229 5.88 -7.12 -48.45
C GLU A 229 5.52 -8.59 -48.45
N ILE A 230 4.87 -9.06 -49.51
CA ILE A 230 4.52 -10.48 -49.57
C ILE A 230 5.78 -11.29 -49.74
N ILE A 231 6.67 -10.83 -50.61
CA ILE A 231 7.93 -11.53 -50.86
C ILE A 231 8.72 -11.61 -49.55
N GLU A 232 8.80 -10.50 -48.82
CA GLU A 232 9.49 -10.56 -47.51
C GLU A 232 8.88 -11.59 -46.58
N THR A 233 7.56 -11.65 -46.50
CA THR A 233 6.89 -12.63 -45.64
C THR A 233 7.27 -14.05 -45.99
N VAL A 234 7.21 -14.37 -47.27
CA VAL A 234 7.58 -15.71 -47.72
C VAL A 234 9.03 -16.06 -47.39
N LEU A 235 9.93 -15.08 -47.53
CA LEU A 235 11.32 -15.32 -47.18
C LEU A 235 11.44 -15.53 -45.68
N ASN A 236 10.71 -14.76 -44.88
CA ASN A 236 10.83 -14.94 -43.44
C ASN A 236 10.20 -16.21 -42.90
N LYS A 237 9.31 -16.81 -43.68
CA LYS A 237 8.70 -18.07 -43.35
C LYS A 237 9.58 -19.24 -43.76
N PHE A 238 10.05 -19.21 -45.00
CA PHE A 238 10.67 -20.39 -45.57
C PHE A 238 12.17 -20.26 -45.73
N ALA A 239 12.71 -19.14 -45.29
CA ALA A 239 14.14 -18.91 -45.39
C ALA A 239 14.67 -18.36 -44.08
N VAL A 240 15.99 -18.35 -43.97
CA VAL A 240 16.66 -17.76 -42.82
C VAL A 240 17.58 -16.65 -43.29
N GLN A 241 17.43 -15.45 -42.75
CA GLN A 241 18.34 -14.38 -43.15
C GLN A 241 19.51 -14.06 -42.24
N GLU A 242 20.65 -13.83 -42.91
CA GLU A 242 21.69 -12.85 -42.56
C GLU A 242 22.97 -13.17 -43.32
N ASN A 248 22.54 -8.27 -46.06
CA ASN A 248 21.75 -9.15 -45.22
C ASN A 248 20.74 -9.92 -46.08
N THR A 249 21.05 -11.16 -46.43
CA THR A 249 20.31 -11.88 -47.44
C THR A 249 19.66 -13.09 -46.78
N TRP A 250 18.83 -13.80 -47.53
CA TRP A 250 18.16 -14.96 -47.00
C TRP A 250 18.68 -16.24 -47.61
N ARG A 251 18.56 -17.29 -46.83
CA ARG A 251 19.01 -18.64 -47.14
C ARG A 251 17.77 -19.53 -47.04
N LEU A 252 17.42 -20.17 -48.14
CA LEU A 252 16.23 -21.00 -48.20
C LEU A 252 16.35 -22.24 -47.32
N ARG A 253 15.26 -22.56 -46.63
CA ARG A 253 15.27 -23.74 -45.79
C ARG A 253 14.79 -24.93 -46.60
N ILE A 254 15.67 -25.52 -47.39
CA ILE A 254 15.28 -26.59 -48.32
C ILE A 254 14.63 -27.82 -47.64
N PRO A 255 15.22 -28.35 -46.55
CA PRO A 255 14.48 -29.48 -45.97
C PRO A 255 13.08 -29.11 -45.49
N PHE A 256 12.95 -27.98 -44.82
CA PHE A 256 11.67 -27.50 -44.35
C PHE A 256 10.69 -27.43 -45.53
N ILE A 257 11.19 -26.90 -46.65
CA ILE A 257 10.36 -26.74 -47.85
C ILE A 257 9.98 -28.10 -48.41
N ALA A 258 10.95 -29.01 -48.50
CA ALA A 258 10.63 -30.36 -48.97
C ALA A 258 9.56 -31.02 -48.10
N GLN A 259 9.71 -30.91 -46.79
CA GLN A 259 8.73 -31.49 -45.88
C GLN A 259 7.34 -30.92 -46.13
N TRP A 260 7.29 -29.63 -46.38
CA TRP A 260 6.07 -28.90 -46.58
C TRP A 260 5.30 -29.47 -47.76
N TYR A 261 6.00 -29.73 -48.85
CA TYR A 261 5.43 -30.39 -50.02
C TYR A 261 5.05 -31.85 -49.78
N GLY A 262 5.89 -32.54 -49.01
CA GLY A 262 5.68 -33.94 -48.69
C GLY A 262 4.45 -34.19 -47.88
N ILE A 263 4.20 -33.28 -46.94
CA ILE A 263 3.02 -33.39 -46.09
C ILE A 263 1.78 -33.27 -46.98
N GLN A 264 1.80 -32.32 -47.90
CA GLN A 264 0.70 -32.16 -48.85
C GLN A 264 0.53 -33.42 -49.69
N ALA A 265 1.64 -33.94 -50.18
CA ALA A 265 1.63 -35.17 -50.96
C ALA A 265 1.01 -36.34 -50.19
N LEU A 266 1.43 -36.50 -48.95
CA LEU A 266 0.88 -37.56 -48.09
C LEU A 266 -0.64 -37.41 -48.00
N ARG A 267 -1.10 -36.19 -47.77
CA ARG A 267 -2.51 -35.90 -47.67
C ARG A 267 -3.26 -36.20 -48.98
N LYS A 268 -2.63 -35.90 -50.11
CA LYS A 268 -3.31 -36.03 -51.39
C LYS A 268 -3.34 -37.46 -51.90
N TYR A 269 -2.21 -38.15 -51.81
CA TYR A 269 -2.08 -39.50 -52.36
C TYR A 269 -2.27 -40.67 -51.41
N VAL A 270 -1.95 -40.53 -50.12
CA VAL A 270 -2.05 -41.68 -49.22
C VAL A 270 -2.85 -41.41 -47.96
N SER A 271 -4.02 -40.81 -48.16
CA SER A 271 -4.91 -40.43 -47.05
C SER A 271 -5.72 -41.59 -46.51
N GLY A 272 -6.51 -42.22 -47.36
CA GLY A 272 -7.26 -43.39 -46.90
C GLY A 272 -6.62 -44.71 -47.28
N ILE A 273 -5.43 -44.62 -47.86
CA ILE A 273 -4.83 -45.72 -48.62
C ILE A 273 -3.32 -45.70 -48.53
N SER A 274 -2.70 -46.86 -48.67
CA SER A 274 -1.25 -46.96 -48.68
C SER A 274 -0.67 -47.02 -50.11
N MET A 275 0.63 -46.80 -50.23
CA MET A 275 1.29 -46.85 -51.52
C MET A 275 2.77 -47.20 -51.35
N PRO A 276 3.33 -47.93 -52.34
CA PRO A 276 4.77 -48.21 -52.26
C PRO A 276 5.56 -46.92 -52.13
N ILE A 277 6.57 -46.95 -51.25
CA ILE A 277 7.34 -45.77 -50.88
C ILE A 277 8.00 -45.10 -52.11
N ASP A 278 8.76 -45.87 -52.89
CA ASP A 278 9.40 -45.30 -54.09
C ASP A 278 8.42 -44.76 -55.13
N GLU A 279 7.23 -45.33 -55.21
CA GLU A 279 6.24 -44.76 -56.10
C GLU A 279 5.66 -43.47 -55.50
N PHE A 280 5.50 -43.43 -54.18
CA PHE A 280 5.10 -42.19 -53.52
C PHE A 280 6.11 -41.05 -53.68
N LEU A 281 7.38 -41.37 -53.53
CA LEU A 281 8.44 -40.40 -53.72
C LEU A 281 8.32 -39.68 -55.07
N ILE A 282 8.05 -40.45 -56.12
CA ILE A 282 7.88 -39.88 -57.42
C ILE A 282 6.77 -38.82 -57.41
N LYS A 283 5.62 -39.18 -56.85
CA LYS A 283 4.48 -38.26 -56.87
C LYS A 283 4.77 -37.03 -55.99
N TRP A 284 5.38 -37.26 -54.83
CA TRP A 284 5.85 -36.16 -54.00
C TRP A 284 6.79 -35.22 -54.79
N LYS A 285 7.78 -35.80 -55.45
CA LYS A 285 8.75 -35.05 -56.28
C LYS A 285 8.08 -34.20 -57.37
N SER A 286 6.96 -34.68 -57.88
CA SER A 286 6.32 -34.01 -59.00
C SER A 286 5.63 -32.70 -58.60
N LEU A 287 5.21 -32.58 -57.34
CA LEU A 287 4.62 -31.32 -56.84
C LEU A 287 5.56 -30.15 -56.83
N PHE A 288 6.86 -30.42 -56.81
CA PHE A 288 7.81 -29.32 -56.80
C PHE A 288 7.77 -28.63 -58.11
N PRO A 289 8.18 -27.36 -58.15
CA PRO A 289 8.48 -26.75 -59.45
C PRO A 289 9.72 -27.38 -60.05
N PRO A 290 9.75 -27.53 -61.39
CA PRO A 290 10.81 -28.27 -62.07
C PRO A 290 12.21 -27.74 -61.73
N PHE A 291 13.18 -28.65 -61.65
CA PHE A 291 14.58 -28.31 -61.43
C PHE A 291 14.87 -27.81 -60.01
N PHE A 292 13.93 -28.01 -59.09
CA PHE A 292 14.11 -27.53 -57.73
C PHE A 292 15.06 -28.47 -56.98
N PRO A 293 16.24 -27.94 -56.58
CA PRO A 293 17.31 -28.81 -56.07
C PRO A 293 17.00 -29.31 -54.69
N CYS A 294 16.56 -30.56 -54.61
CA CYS A 294 16.41 -31.21 -53.32
C CYS A 294 16.34 -32.71 -53.51
N ASP A 295 16.95 -33.46 -52.59
CA ASP A 295 16.83 -34.91 -52.60
C ASP A 295 15.93 -35.29 -51.45
N ILE A 296 14.84 -35.94 -51.80
CA ILE A 296 13.75 -36.15 -50.87
C ILE A 296 13.90 -37.51 -50.26
N ASP A 297 13.45 -37.61 -49.02
CA ASP A 297 13.62 -38.82 -48.27
C ASP A 297 12.44 -38.99 -47.32
N ILE A 298 11.92 -40.22 -47.24
CA ILE A 298 10.73 -40.50 -46.45
C ILE A 298 10.88 -40.09 -44.97
N ASP A 299 12.11 -40.10 -44.45
CA ASP A 299 12.36 -39.75 -43.05
C ASP A 299 12.14 -38.25 -42.77
N MET A 300 12.01 -37.44 -43.81
CA MET A 300 11.69 -36.03 -43.61
C MET A 300 10.23 -35.88 -43.18
N LEU A 301 9.45 -36.94 -43.37
CA LEU A 301 8.01 -36.94 -43.09
C LEU A 301 7.65 -37.76 -41.83
N ARG A 302 8.64 -37.97 -40.97
CA ARG A 302 8.43 -38.59 -39.67
C ARG A 302 7.42 -37.77 -38.89
N GLY A 303 6.46 -38.42 -38.23
CA GLY A 303 5.39 -37.69 -37.57
C GLY A 303 4.14 -37.49 -38.44
N TYR A 304 4.26 -37.75 -39.75
CA TYR A 304 3.14 -37.56 -40.69
C TYR A 304 2.72 -38.81 -41.47
N HIS A 305 3.39 -39.92 -41.22
CA HIS A 305 3.10 -41.16 -41.93
C HIS A 305 3.42 -42.37 -41.08
N PHE A 306 2.94 -43.53 -41.53
CA PHE A 306 3.37 -44.79 -40.97
C PHE A 306 3.54 -45.76 -42.11
N LYS A 307 4.10 -46.92 -41.82
CA LYS A 307 4.44 -47.88 -42.87
C LYS A 307 3.74 -49.21 -42.63
N PRO A 308 2.54 -49.38 -43.23
CA PRO A 308 1.73 -50.60 -43.10
C PRO A 308 2.56 -51.84 -43.42
N THR A 309 3.35 -51.77 -44.49
CA THR A 309 4.45 -52.72 -44.67
C THR A 309 5.76 -51.91 -44.69
N ASP A 310 6.91 -52.58 -44.65
CA ASP A 310 8.18 -51.84 -44.70
C ASP A 310 8.43 -51.17 -46.06
N LYS A 311 7.73 -51.61 -47.11
CA LYS A 311 7.91 -50.96 -48.41
C LYS A 311 6.65 -50.21 -48.86
N THR A 312 5.76 -49.89 -47.91
CA THR A 312 4.66 -48.97 -48.18
C THR A 312 4.57 -47.82 -47.17
N VAL A 313 3.83 -46.79 -47.56
CA VAL A 313 3.65 -45.59 -46.77
C VAL A 313 2.17 -45.19 -46.75
N GLN A 314 1.74 -44.61 -45.64
CA GLN A 314 0.39 -44.07 -45.54
C GLN A 314 0.39 -42.89 -44.55
N TYR A 315 -0.44 -41.89 -44.83
CA TYR A 315 -0.53 -40.68 -44.01
C TYR A 315 -1.24 -40.89 -42.68
N ILE A 316 -0.78 -40.17 -41.65
CA ILE A 316 -1.49 -40.10 -40.38
C ILE A 316 -1.49 -38.69 -39.77
N ALA A 317 -2.65 -38.28 -39.25
CA ALA A 317 -2.75 -37.04 -38.51
C ALA A 317 -2.70 -37.37 -37.00
N LYS A 318 -1.75 -36.79 -36.30
CA LYS A 318 -1.51 -37.08 -34.89
C LYS A 318 -2.76 -36.81 -34.07
N SER A 319 -3.42 -35.71 -34.41
CA SER A 319 -4.67 -35.30 -33.80
C SER A 319 -5.80 -36.34 -33.81
N THR A 320 -5.72 -37.36 -34.66
CA THR A 320 -6.76 -38.41 -34.61
C THR A 320 -6.48 -39.46 -33.55
N LEU A 321 -5.29 -39.45 -32.97
CA LEU A 321 -4.86 -40.55 -32.10
C LEU A 321 -5.51 -40.51 -30.71
N PRO A 322 -5.60 -41.69 -30.08
CA PRO A 322 -6.20 -41.69 -28.74
C PRO A 322 -5.27 -40.99 -27.74
N MET A 323 -5.88 -40.38 -26.73
CA MET A 323 -5.18 -39.48 -25.85
C MET A 323 -4.47 -40.25 -24.75
N ASP A 324 -5.13 -41.27 -24.22
CA ASP A 324 -4.47 -42.18 -23.29
C ASP A 324 -3.33 -42.95 -23.99
N PRO A 325 -2.12 -42.89 -23.43
CA PRO A 325 -0.93 -43.42 -24.13
C PRO A 325 -0.95 -44.93 -24.35
N LYS A 326 -1.56 -45.70 -23.45
CA LYS A 326 -1.66 -47.14 -23.68
C LYS A 326 -2.60 -47.36 -24.86
N GLU A 327 -3.65 -46.56 -24.94
CA GLU A 327 -4.50 -46.62 -26.13
C GLU A 327 -3.75 -46.15 -27.37
N ARG A 328 -2.93 -45.10 -27.26
CA ARG A 328 -2.20 -44.63 -28.43
C ARG A 328 -1.26 -45.72 -28.97
N PHE A 329 -0.46 -46.31 -28.08
CA PHE A 329 0.46 -47.37 -28.49
C PHE A 329 -0.27 -48.56 -29.06
N LYS A 330 -1.45 -48.87 -28.52
CA LYS A 330 -2.32 -49.90 -29.07
C LYS A 330 -2.61 -49.67 -30.55
N VAL A 331 -3.05 -48.45 -30.87
CA VAL A 331 -3.55 -48.13 -32.20
C VAL A 331 -2.40 -48.11 -33.21
N LEU A 332 -1.22 -47.65 -32.79
CA LEU A 332 -0.06 -47.59 -33.67
C LEU A 332 0.47 -48.96 -34.05
N PHE A 333 0.66 -49.82 -33.05
CA PHE A 333 1.08 -51.19 -33.34
C PHE A 333 0.05 -51.98 -34.16
N ARG A 334 -1.21 -51.55 -34.08
CA ARG A 334 -2.26 -52.15 -34.89
C ARG A 334 -2.10 -51.72 -36.35
N LEU A 335 -1.71 -50.48 -36.54
CA LEU A 335 -1.39 -49.97 -37.86
C LEU A 335 -0.06 -50.50 -38.41
N GLN A 336 0.91 -50.75 -37.54
CA GLN A 336 2.24 -51.19 -37.96
C GLN A 336 2.95 -51.94 -36.83
N SER A 337 3.24 -53.22 -37.04
CA SER A 337 3.76 -54.11 -35.99
C SER A 337 5.13 -53.72 -35.47
N GLN A 338 6.02 -53.36 -36.39
CA GLN A 338 7.37 -53.05 -36.02
C GLN A 338 7.68 -51.64 -36.44
N TRP A 339 8.11 -50.84 -35.47
CA TRP A 339 8.45 -49.45 -35.74
C TRP A 339 9.93 -49.18 -35.55
N ASP A 340 10.55 -48.57 -36.56
CA ASP A 340 11.82 -47.90 -36.33
C ASP A 340 11.58 -46.90 -35.18
N LEU A 341 12.56 -46.79 -34.30
CA LEU A 341 12.41 -46.01 -33.09
C LEU A 341 11.97 -44.56 -33.32
N GLU A 342 12.65 -43.84 -34.20
CA GLU A 342 12.34 -42.42 -34.38
C GLU A 342 11.18 -42.12 -35.33
N ASP A 343 10.71 -43.11 -36.07
CA ASP A 343 9.43 -43.00 -36.73
C ASP A 343 8.31 -42.81 -35.69
N ILE A 344 8.38 -43.54 -34.58
CA ILE A 344 7.27 -43.52 -33.65
C ILE A 344 7.39 -42.46 -32.56
N LYS A 345 8.57 -41.90 -32.34
CA LYS A 345 8.71 -40.95 -31.23
C LYS A 345 7.83 -39.69 -31.39
N PRO A 346 7.84 -39.04 -32.58
CA PRO A 346 7.00 -37.83 -32.67
C PRO A 346 5.49 -38.08 -32.50
N LEU A 347 5.04 -39.32 -32.72
CA LEU A 347 3.59 -39.57 -32.61
C LEU A 347 3.12 -39.79 -31.17
N ILE A 348 4.04 -39.87 -30.21
CA ILE A 348 3.65 -40.15 -28.82
C ILE A 348 4.22 -39.17 -27.76
N GLU A 349 5.21 -38.35 -28.13
CA GLU A 349 5.84 -37.39 -27.22
C GLU A 349 4.88 -36.53 -26.37
N GLU A 350 3.81 -36.03 -26.99
CA GLU A 350 2.79 -35.25 -26.30
C GLU A 350 2.30 -35.86 -25.01
N LEU A 351 2.22 -37.18 -24.97
CA LEU A 351 1.63 -37.84 -23.82
C LEU A 351 2.63 -37.98 -22.68
N ASN A 352 3.90 -37.66 -22.95
CA ASN A 352 4.97 -37.82 -21.96
C ASN A 352 4.98 -36.65 -20.99
N SER A 353 3.98 -36.63 -20.12
CA SER A 353 3.69 -35.48 -19.26
C SER A 353 4.59 -35.37 -18.05
N ARG A 354 5.04 -36.50 -17.53
CA ARG A 354 5.88 -36.48 -16.34
C ARG A 354 7.34 -36.32 -16.72
N GLY A 355 7.57 -35.64 -17.85
CA GLY A 355 8.89 -35.49 -18.44
C GLY A 355 9.91 -36.58 -18.18
N MET A 356 9.51 -37.84 -18.38
CA MET A 356 10.47 -38.94 -18.34
C MET A 356 11.45 -38.71 -19.47
N LYS A 357 12.61 -39.36 -19.41
CA LYS A 357 13.44 -39.43 -20.61
C LYS A 357 12.66 -40.19 -21.67
N ILE A 358 12.55 -39.61 -22.87
CA ILE A 358 11.59 -40.07 -23.87
C ILE A 358 11.72 -41.56 -24.26
N ASP A 359 12.89 -42.17 -24.13
CA ASP A 359 12.99 -43.58 -24.52
C ASP A 359 12.60 -44.51 -23.39
N SER A 360 12.61 -43.98 -22.17
CA SER A 360 12.04 -44.67 -21.03
C SER A 360 10.53 -44.69 -21.09
N PHE A 361 9.96 -43.55 -21.51
CA PHE A 361 8.52 -43.43 -21.69
C PHE A 361 7.99 -44.49 -22.66
N ILE A 362 8.73 -44.72 -23.74
CA ILE A 362 8.33 -45.70 -24.76
C ILE A 362 8.42 -47.14 -24.25
N MET A 363 9.49 -47.46 -23.51
CA MET A 363 9.66 -48.83 -23.03
C MET A 363 8.63 -49.20 -21.97
N LYS A 364 8.01 -48.20 -21.38
CA LYS A 364 6.87 -48.44 -20.49
C LYS A 364 5.75 -49.13 -21.25
N TYR A 365 5.57 -48.79 -22.54
CA TYR A 365 4.45 -49.30 -23.34
C TYR A 365 4.85 -50.15 -24.53
N ALA A 366 6.15 -50.30 -24.72
CA ALA A 366 6.65 -50.94 -25.93
C ALA A 366 7.90 -51.74 -25.65
N ARG A 367 8.19 -52.66 -26.55
CA ARG A 367 9.31 -53.59 -26.43
C ARG A 367 10.32 -53.45 -27.56
N ARG A 368 11.61 -53.60 -27.23
CA ARG A 368 12.64 -53.47 -28.26
C ARG A 368 13.04 -54.86 -28.75
N LYS A 369 13.37 -54.95 -30.03
CA LYS A 369 13.49 -56.24 -30.72
C LYS A 369 14.49 -56.10 -31.84
N ARG A 370 15.48 -56.97 -31.89
CA ARG A 370 16.58 -56.73 -32.80
C ARG A 370 16.52 -57.67 -34.00
N LEU A 371 16.52 -57.08 -35.19
CA LEU A 371 16.41 -57.83 -36.42
C LEU A 371 17.59 -57.41 -37.30
N GLY A 372 18.27 -58.40 -37.89
CA GLY A 372 19.50 -58.16 -38.63
C GLY A 372 20.52 -57.42 -37.77
N LYS A 373 20.79 -56.18 -38.17
CA LYS A 373 21.61 -55.25 -37.40
C LYS A 373 20.73 -54.28 -36.62
N LYS A 374 19.74 -53.70 -37.30
CA LYS A 374 18.91 -52.61 -36.80
C LYS A 374 18.04 -53.02 -35.61
N THR A 375 17.65 -52.03 -34.80
CA THR A 375 16.74 -52.20 -33.66
C THR A 375 15.35 -51.63 -33.95
N VAL A 376 14.33 -52.47 -33.89
CA VAL A 376 12.95 -51.99 -33.97
C VAL A 376 12.24 -52.03 -32.61
N VAL A 377 11.05 -51.45 -32.60
CA VAL A 377 10.18 -51.44 -31.43
C VAL A 377 8.91 -52.18 -31.77
N THR A 378 8.36 -52.88 -30.79
CA THR A 378 7.09 -53.55 -30.98
C THR A 378 6.33 -53.53 -29.66
N SER A 379 5.05 -53.91 -29.70
CA SER A 379 4.23 -53.97 -28.50
C SER A 379 4.78 -55.01 -27.52
N ARG A 380 4.52 -54.80 -26.23
CA ARG A 380 4.98 -55.74 -25.22
C ARG A 380 4.09 -56.98 -25.15
N PRO B 2 -1.09 -0.70 -21.57
CA PRO B 2 0.08 0.18 -21.43
C PRO B 2 1.37 -0.59 -21.19
N SER B 3 2.45 0.15 -21.05
CA SER B 3 3.76 -0.42 -20.86
C SER B 3 4.57 0.61 -20.13
N VAL B 4 5.60 0.15 -19.44
CA VAL B 4 6.58 1.03 -18.81
C VAL B 4 7.83 0.25 -18.47
N ASP B 5 8.98 0.90 -18.54
CA ASP B 5 10.23 0.23 -18.19
C ASP B 5 10.51 0.37 -16.70
N ILE B 6 11.27 -0.59 -16.19
CA ILE B 6 11.79 -0.53 -14.83
C ILE B 6 13.09 0.25 -14.77
N ASP B 7 13.09 1.35 -14.06
CA ASP B 7 14.27 2.14 -13.90
C ASP B 7 15.15 1.62 -12.78
N ALA B 8 16.31 1.13 -13.16
CA ALA B 8 17.24 0.61 -12.21
C ALA B 8 18.49 1.44 -12.24
N SER B 9 18.41 2.62 -12.81
CA SER B 9 19.56 3.48 -12.90
C SER B 9 20.14 3.86 -11.55
N GLN B 10 19.30 4.41 -10.69
CA GLN B 10 19.73 4.87 -9.39
C GLN B 10 20.37 3.73 -8.59
N TRP B 11 19.75 2.56 -8.63
CA TRP B 11 20.25 1.42 -7.88
C TRP B 11 21.64 0.95 -8.31
N GLN B 12 21.92 1.02 -9.60
CA GLN B 12 23.19 0.53 -10.13
C GLN B 12 24.38 1.40 -9.74
N LYS B 13 24.17 2.70 -9.58
CA LYS B 13 25.27 3.59 -9.22
C LYS B 13 25.58 3.47 -7.71
N LEU B 14 24.54 3.46 -6.88
CA LEU B 14 24.69 3.26 -5.44
C LEU B 14 25.32 1.90 -5.11
N THR B 15 25.11 0.90 -5.96
CA THR B 15 25.69 -0.40 -5.76
C THR B 15 27.17 -0.37 -6.12
N GLN B 16 27.59 0.69 -6.77
CA GLN B 16 29.00 0.88 -7.05
C GLN B 16 29.63 1.81 -6.00
N SER B 17 28.91 2.87 -5.60
CA SER B 17 29.38 3.73 -4.51
C SER B 17 29.38 3.03 -3.16
N ARG B 18 28.95 1.77 -3.14
CA ARG B 18 28.94 1.02 -1.89
C ARG B 18 29.56 -0.34 -2.08
N GLU B 19 29.56 -1.13 -1.01
CA GLU B 19 30.65 -2.08 -0.80
C GLU B 19 30.23 -3.48 -0.36
N LYS B 20 29.37 -3.54 0.65
CA LYS B 20 29.32 -4.69 1.58
C LYS B 20 27.97 -5.44 1.77
N GLN B 21 27.98 -6.77 1.67
CA GLN B 21 26.89 -7.57 2.27
C GLN B 21 27.34 -8.94 2.74
N THR B 22 26.71 -9.41 3.81
CA THR B 22 27.38 -10.31 4.73
C THR B 22 26.60 -11.44 5.42
N THR B 23 25.40 -11.25 5.97
CA THR B 23 24.43 -10.21 5.65
C THR B 23 24.60 -8.77 6.15
N VAL B 24 24.38 -8.54 7.44
CA VAL B 24 24.28 -7.22 8.04
C VAL B 24 22.99 -6.58 7.42
N ILE B 25 23.16 -5.45 6.75
CA ILE B 25 22.12 -4.78 6.02
C ILE B 25 22.52 -4.81 4.53
N THR B 26 21.61 -4.56 3.59
CA THR B 26 22.08 -4.40 2.20
C THR B 26 22.98 -3.18 2.17
N PRO B 27 23.91 -3.11 1.20
CA PRO B 27 24.72 -1.89 1.10
C PRO B 27 23.89 -0.62 1.01
N LEU B 28 22.70 -0.73 0.45
CA LEU B 28 21.87 0.46 0.31
C LEU B 28 21.20 0.84 1.62
N GLY B 29 21.37 0.02 2.64
CA GLY B 29 20.83 0.31 3.94
C GLY B 29 19.46 -0.27 4.24
N MET B 30 19.08 -1.35 3.56
CA MET B 30 17.77 -1.93 3.78
C MET B 30 17.81 -3.37 4.27
N MET B 31 16.74 -3.79 4.93
CA MET B 31 16.65 -5.15 5.43
C MET B 31 15.20 -5.62 5.47
N MET B 32 15.02 -6.93 5.59
CA MET B 32 13.70 -7.51 5.57
C MET B 32 13.46 -8.27 6.86
N LEU B 33 12.43 -7.85 7.61
CA LEU B 33 12.12 -8.46 8.88
C LEU B 33 10.82 -9.26 8.82
N GLU B 34 10.86 -10.53 9.21
CA GLU B 34 9.68 -11.37 9.10
C GLU B 34 9.32 -12.02 10.43
N ILE B 35 8.03 -11.97 10.77
CA ILE B 35 7.53 -12.48 12.03
C ILE B 35 6.28 -13.30 11.85
N GLN B 36 6.21 -14.48 12.47
CA GLN B 36 4.99 -15.28 12.43
C GLN B 36 3.96 -14.79 13.43
N GLY B 37 3.28 -13.68 13.08
CA GLY B 37 2.31 -13.08 13.97
C GLY B 37 2.01 -11.65 13.56
N GLU B 38 1.14 -10.99 14.29
CA GLU B 38 0.87 -9.58 14.07
C GLU B 38 1.69 -8.72 15.05
N LEU B 39 2.30 -7.67 14.54
CA LEU B 39 2.94 -6.68 15.37
C LEU B 39 1.88 -5.68 15.79
N GLU B 40 1.60 -5.62 17.09
CA GLU B 40 0.56 -4.75 17.62
C GLU B 40 1.13 -3.44 18.10
N LEU B 41 0.95 -2.40 17.29
CA LEU B 41 1.39 -1.07 17.66
C LEU B 41 0.14 -0.28 17.98
N PRO B 42 0.31 0.80 18.75
CA PRO B 42 -0.88 1.57 19.12
C PRO B 42 -1.51 2.24 17.90
N LYS B 43 -2.83 2.44 17.96
CA LYS B 43 -3.56 3.01 16.83
C LYS B 43 -3.30 4.50 16.69
N ASP B 44 -2.91 5.14 17.80
CA ASP B 44 -2.74 6.58 17.77
C ASP B 44 -1.42 7.03 18.37
N PHE B 45 -0.43 7.17 17.50
CA PHE B 45 0.92 7.61 17.88
C PHE B 45 0.94 8.99 18.49
N ALA B 46 0.19 9.92 17.90
CA ALA B 46 0.26 11.30 18.33
C ALA B 46 -0.06 11.42 19.82
N SER B 47 -1.12 10.74 20.26
CA SER B 47 -1.55 10.75 21.65
C SER B 47 -0.49 10.20 22.61
N LEU B 48 0.04 9.02 22.29
CA LEU B 48 1.04 8.42 23.15
C LEU B 48 2.38 9.13 23.09
N ALA B 49 2.67 9.78 21.98
CA ALA B 49 3.96 10.49 21.88
C ALA B 49 4.00 11.71 22.80
N ARG B 50 2.83 12.34 22.95
CA ARG B 50 2.64 13.48 23.85
C ARG B 50 3.05 13.15 25.28
N ARG B 51 2.73 11.92 25.63
CA ARG B 51 2.82 11.38 26.96
C ARG B 51 4.14 10.66 27.24
N ASP B 52 5.12 10.89 26.37
CA ASP B 52 6.28 10.02 26.29
C ASP B 52 7.42 10.53 27.15
N SER B 53 7.84 9.70 28.09
CA SER B 53 8.97 9.99 28.96
C SER B 53 10.28 9.91 28.18
N PRO B 54 11.36 10.54 28.70
CA PRO B 54 12.61 10.38 27.95
C PRO B 54 13.33 9.16 28.50
N ASN B 55 12.72 8.55 29.51
CA ASN B 55 13.14 7.26 30.02
C ASN B 55 12.64 6.12 29.13
N GLU B 56 11.41 6.24 28.66
CA GLU B 56 10.93 5.25 27.72
C GLU B 56 11.54 5.46 26.34
N GLY B 57 11.63 6.70 25.87
CA GLY B 57 12.24 6.96 24.58
C GLY B 57 11.51 6.21 23.48
N ARG B 58 10.18 6.21 23.54
CA ARG B 58 9.41 5.40 22.59
C ARG B 58 9.03 6.11 21.29
N PHE B 59 9.06 7.43 21.28
CA PHE B 59 8.65 8.19 20.11
C PHE B 59 9.69 9.23 19.75
N SER B 60 9.90 9.43 18.45
CA SER B 60 10.80 10.45 17.94
C SER B 60 10.25 10.98 16.63
N GLU B 61 10.65 12.19 16.28
CA GLU B 61 10.32 12.75 14.98
C GLU B 61 11.49 12.57 14.01
N GLN B 62 11.19 11.96 12.86
CA GLN B 62 12.11 11.91 11.73
C GLN B 62 11.44 12.35 10.45
N ASP B 63 12.08 13.31 9.78
CA ASP B 63 11.59 13.88 8.52
C ASP B 63 10.08 14.09 8.50
N GLY B 64 9.55 14.75 9.53
CA GLY B 64 8.14 15.11 9.55
C GLY B 64 7.20 14.00 9.99
N GLU B 65 7.76 12.85 10.35
CA GLU B 65 6.99 11.69 10.81
C GLU B 65 7.33 11.32 12.25
N THR B 66 6.32 10.92 13.01
CA THR B 66 6.53 10.41 14.34
C THR B 66 6.74 8.91 14.31
N LEU B 67 7.92 8.48 14.73
CA LEU B 67 8.29 7.07 14.69
C LEU B 67 8.24 6.47 16.09
N ILE B 68 7.64 5.29 16.19
CA ILE B 68 7.65 4.55 17.44
C ILE B 68 8.83 3.61 17.45
N ARG B 69 9.51 3.52 18.57
CA ARG B 69 10.61 2.60 18.74
C ARG B 69 10.03 1.32 19.32
N PHE B 70 9.90 0.28 18.51
CA PHE B 70 9.11 -0.87 18.98
C PHE B 70 9.94 -2.06 19.48
N GLY B 71 11.23 -2.09 19.17
CA GLY B 71 12.03 -3.24 19.53
C GLY B 71 13.52 -3.09 19.29
N SER B 72 14.27 -4.16 19.58
CA SER B 72 15.70 -4.23 19.29
C SER B 72 16.04 -5.57 18.62
N LEU B 73 17.02 -5.54 17.72
CA LEU B 73 17.40 -6.76 17.04
C LEU B 73 18.89 -7.06 17.30
N GLN B 74 19.18 -8.27 17.77
CA GLN B 74 20.57 -8.68 18.06
C GLN B 74 20.94 -9.86 17.15
N ILE B 75 21.97 -9.69 16.33
CA ILE B 75 22.46 -10.76 15.48
C ILE B 75 23.73 -11.36 16.11
N ASP B 76 23.80 -12.69 16.26
CA ASP B 76 25.01 -13.36 16.77
C ASP B 76 25.55 -14.43 15.82
N GLY B 77 24.65 -15.20 15.23
CA GLY B 77 25.07 -16.10 14.16
C GLY B 77 25.10 -15.19 12.95
N GLU B 78 24.14 -15.23 12.02
CA GLU B 78 23.03 -16.20 11.78
C GLU B 78 21.90 -16.41 12.79
N ARG B 79 22.21 -16.48 14.08
CA ARG B 79 21.21 -16.45 15.14
C ARG B 79 20.72 -15.03 15.31
N ALA B 80 19.48 -14.86 15.74
CA ALA B 80 18.98 -13.51 15.92
C ALA B 80 18.01 -13.50 17.06
N THR B 81 17.96 -12.37 17.76
CA THR B 81 17.01 -12.22 18.85
C THR B 81 16.30 -10.89 18.66
N LEU B 82 15.00 -10.93 18.90
CA LEU B 82 14.16 -9.77 18.72
C LEU B 82 13.52 -9.45 20.05
N PHE B 83 13.72 -8.22 20.54
CA PHE B 83 13.03 -7.76 21.74
C PHE B 83 11.90 -6.90 21.29
N VAL B 84 10.69 -7.21 21.72
CA VAL B 84 9.60 -6.34 21.37
C VAL B 84 8.93 -5.78 22.58
N GLY B 85 8.83 -4.44 22.60
CA GLY B 85 8.26 -3.74 23.73
C GLY B 85 9.06 -4.10 24.96
N LYS B 86 8.42 -4.13 26.12
CA LYS B 86 9.12 -4.34 27.38
C LYS B 86 9.19 -5.79 27.77
N LYS B 87 8.29 -6.61 27.23
CA LYS B 87 8.02 -7.89 27.87
C LYS B 87 8.24 -9.11 26.99
N GLN B 88 8.81 -8.95 25.81
CA GLN B 88 8.89 -10.08 24.90
C GLN B 88 10.25 -10.29 24.28
N ARG B 89 10.61 -11.56 24.17
CA ARG B 89 11.80 -12.00 23.46
C ARG B 89 11.44 -13.07 22.44
N LEU B 90 11.89 -12.91 21.20
CA LEU B 90 11.62 -13.90 20.16
C LEU B 90 12.91 -14.41 19.55
N LEU B 91 13.05 -15.73 19.43
CA LEU B 91 14.30 -16.25 18.87
C LEU B 91 14.14 -16.61 17.40
N GLY B 92 15.08 -16.15 16.58
CA GLY B 92 14.99 -16.36 15.16
C GLY B 92 16.30 -16.62 14.46
N LYS B 93 16.26 -16.39 13.16
CA LYS B 93 17.28 -16.88 12.24
C LYS B 93 17.51 -15.89 11.08
N VAL B 94 18.77 -15.72 10.69
CA VAL B 94 19.09 -15.01 9.47
C VAL B 94 19.13 -16.00 8.33
N THR B 95 18.21 -15.82 7.39
CA THR B 95 18.02 -16.76 6.28
C THR B 95 18.35 -16.12 4.93
N LYS B 96 19.11 -16.85 4.14
CA LYS B 96 19.43 -16.48 2.78
C LYS B 96 18.20 -16.84 1.94
N LEU B 97 17.79 -15.92 1.05
CA LEU B 97 16.61 -16.18 0.22
C LEU B 97 16.88 -17.13 -0.94
N ASP B 98 16.01 -18.13 -0.99
CA ASP B 98 15.80 -18.98 -2.14
C ASP B 98 15.77 -18.19 -3.44
N VAL B 99 14.90 -17.20 -3.47
CA VAL B 99 14.75 -16.34 -4.61
C VAL B 99 14.92 -14.94 -4.10
N PRO B 100 15.97 -14.25 -4.57
CA PRO B 100 16.13 -12.84 -4.19
C PRO B 100 14.86 -12.04 -4.51
N MET B 101 14.59 -11.01 -3.73
CA MET B 101 13.38 -10.25 -3.90
C MET B 101 13.73 -8.83 -4.24
N GLY B 102 13.14 -8.34 -5.31
CA GLY B 102 13.29 -6.96 -5.70
C GLY B 102 12.31 -6.12 -4.94
N ILE B 103 12.78 -5.02 -4.39
CA ILE B 103 11.87 -4.06 -3.85
C ILE B 103 11.65 -3.05 -4.96
N MET B 104 10.44 -3.00 -5.48
CA MET B 104 10.16 -2.01 -6.50
C MET B 104 9.17 -0.99 -5.99
N HIS B 105 9.39 0.28 -6.35
CA HIS B 105 8.50 1.36 -5.98
C HIS B 105 7.61 1.74 -7.15
N PHE B 106 6.29 1.62 -6.99
CA PHE B 106 5.37 1.95 -8.09
C PHE B 106 4.76 3.32 -7.92
N ASN B 107 5.29 4.28 -8.67
CA ASN B 107 4.80 5.64 -8.66
C ASN B 107 3.57 5.80 -9.57
N SER B 108 2.39 5.90 -8.95
CA SER B 108 1.12 5.83 -9.65
C SER B 108 0.84 7.07 -10.44
N LYS B 109 1.35 8.20 -9.99
CA LYS B 109 1.12 9.46 -10.68
C LYS B 109 1.55 9.35 -12.13
N ASP B 110 2.79 8.90 -12.31
CA ASP B 110 3.39 8.73 -13.64
C ASP B 110 3.27 7.33 -14.21
N ASN B 111 2.69 6.37 -13.46
CA ASN B 111 2.80 4.96 -13.83
C ASN B 111 4.25 4.59 -14.17
N LYS B 112 5.18 4.93 -13.28
CA LYS B 112 6.58 4.56 -13.47
C LYS B 112 7.06 3.72 -12.28
N VAL B 113 8.10 2.92 -12.52
CA VAL B 113 8.53 1.99 -11.51
C VAL B 113 10.04 1.93 -11.38
N GLU B 114 10.48 1.97 -10.14
CA GLU B 114 11.89 2.04 -9.80
C GLU B 114 12.36 0.80 -9.04
N LEU B 115 13.58 0.36 -9.31
CA LEU B 115 14.18 -0.66 -8.47
C LEU B 115 14.80 0.01 -7.26
N VAL B 116 14.26 -0.28 -6.09
CA VAL B 116 14.69 0.33 -4.85
C VAL B 116 15.89 -0.39 -4.27
N ASP B 117 15.82 -1.72 -4.25
CA ASP B 117 16.89 -2.53 -3.70
C ASP B 117 16.60 -3.98 -4.00
N VAL B 118 17.58 -4.83 -3.76
CA VAL B 118 17.40 -6.26 -3.96
C VAL B 118 17.70 -7.00 -2.66
N MET B 119 16.72 -7.74 -2.15
CA MET B 119 16.83 -8.40 -0.86
C MET B 119 17.32 -9.81 -1.10
N LYS B 120 18.42 -10.19 -0.43
CA LYS B 120 18.97 -11.54 -0.57
C LYS B 120 18.92 -12.31 0.75
N TYR B 121 18.73 -11.58 1.83
CA TYR B 121 18.63 -12.18 3.15
C TYR B 121 17.45 -11.59 3.85
N LYS B 122 16.91 -12.33 4.81
CA LYS B 122 15.86 -11.83 5.68
C LYS B 122 16.18 -12.31 7.07
N VAL B 123 15.57 -11.70 8.08
CA VAL B 123 15.68 -12.22 9.44
C VAL B 123 14.25 -12.54 9.87
N ILE B 124 14.03 -13.79 10.25
CA ILE B 124 12.69 -14.32 10.43
C ILE B 124 12.51 -14.95 11.80
N PHE B 125 11.32 -14.77 12.37
CA PHE B 125 11.00 -15.27 13.71
C PHE B 125 9.70 -16.08 13.68
N LYS B 126 9.83 -17.40 13.80
CA LYS B 126 8.72 -18.35 13.61
C LYS B 126 8.15 -18.85 14.96
N ASP B 127 8.90 -18.63 16.05
CA ASP B 127 8.55 -19.28 17.30
C ASP B 127 7.88 -18.38 18.31
N ARG B 128 7.02 -18.97 19.14
CA ARG B 128 6.30 -18.27 20.21
C ARG B 128 7.24 -17.33 20.97
N PRO B 129 6.78 -16.10 21.24
CA PRO B 129 7.54 -15.16 22.06
C PRO B 129 7.82 -15.71 23.46
N LEU B 130 9.04 -15.55 23.96
CA LEU B 130 9.39 -15.93 25.33
C LEU B 130 9.30 -14.75 26.28
N PRO B 131 9.11 -15.04 27.57
CA PRO B 131 9.23 -13.99 28.58
C PRO B 131 10.62 -13.40 28.57
N ILE B 132 10.74 -12.19 29.10
CA ILE B 132 11.95 -11.44 28.88
C ILE B 132 13.05 -12.15 29.68
N MET B 133 14.28 -12.15 29.13
CA MET B 133 15.45 -12.88 29.65
C MET B 133 15.23 -14.41 29.84
N GLN C 51 0.15 2.23 32.08
CA GLN C 51 -0.52 3.38 31.49
C GLN C 51 0.21 3.91 30.24
N THR C 52 1.54 3.84 30.21
CA THR C 52 2.29 4.19 28.99
C THR C 52 2.23 3.07 27.95
N VAL C 53 2.88 3.30 26.82
CA VAL C 53 2.74 2.49 25.60
C VAL C 53 2.95 0.99 25.76
N LYS C 54 2.03 0.20 25.23
CA LYS C 54 2.25 -1.24 25.26
C LYS C 54 2.48 -1.85 23.86
N ILE C 55 3.62 -2.50 23.68
CA ILE C 55 4.01 -3.05 22.38
C ILE C 55 4.32 -4.55 22.40
N TRP C 56 3.67 -5.30 21.51
CA TRP C 56 3.87 -6.76 21.48
C TRP C 56 3.56 -7.47 20.14
N VAL C 57 4.07 -8.70 20.02
CA VAL C 57 3.69 -9.63 18.95
C VAL C 57 2.58 -10.56 19.40
N LYS C 58 1.42 -10.51 18.74
CA LYS C 58 0.43 -11.57 18.90
C LYS C 58 0.81 -12.70 17.96
N TYR C 59 1.32 -13.78 18.52
CA TYR C 59 1.83 -14.91 17.77
C TYR C 59 0.76 -15.61 16.92
N ASN C 60 1.13 -16.02 15.70
CA ASN C 60 0.28 -16.91 14.93
C ASN C 60 0.78 -18.31 15.14
N GLU C 61 -0.14 -19.25 15.35
CA GLU C 61 0.25 -20.60 15.70
C GLU C 61 0.97 -21.28 14.54
N GLY C 62 0.60 -20.90 13.32
CA GLY C 62 1.35 -21.34 12.17
C GLY C 62 1.27 -20.35 11.03
N PHE C 63 1.33 -20.87 9.81
CA PHE C 63 1.55 -20.04 8.62
C PHE C 63 0.65 -20.49 7.45
N SER C 64 -0.03 -19.51 6.85
CA SER C 64 -0.88 -19.73 5.68
C SER C 64 -0.37 -18.90 4.52
N ASN C 65 -0.16 -19.59 3.41
CA ASN C 65 0.22 -19.07 2.11
C ASN C 65 -1.05 -19.28 1.28
N ALA C 66 -1.63 -18.22 0.73
CA ALA C 66 -2.88 -18.41 0.02
C ALA C 66 -2.63 -18.88 -1.41
N VAL C 67 -3.71 -19.15 -2.14
CA VAL C 67 -3.60 -19.59 -3.52
C VAL C 67 -3.07 -18.41 -4.33
N ARG C 68 -2.24 -18.65 -5.34
CA ARG C 68 -1.80 -17.53 -6.17
C ARG C 68 -2.93 -16.98 -7.06
N LYS C 69 -2.82 -15.70 -7.36
CA LYS C 69 -3.83 -14.97 -8.12
C LYS C 69 -3.25 -14.19 -9.29
N ASN C 70 -4.08 -13.92 -10.29
CA ASN C 70 -3.69 -13.09 -11.42
C ASN C 70 -3.45 -11.64 -11.00
N VAL C 71 -2.69 -10.93 -11.83
CA VAL C 71 -2.34 -9.53 -11.56
C VAL C 71 -2.74 -8.63 -12.71
N THR C 72 -3.43 -7.57 -12.34
CA THR C 72 -3.91 -6.57 -13.25
C THR C 72 -2.95 -5.38 -13.25
N TRP C 73 -3.04 -4.51 -14.26
CA TRP C 73 -2.21 -3.32 -14.33
C TRP C 73 -2.43 -2.45 -13.12
N ASN C 74 -3.71 -2.26 -12.81
CA ASN C 74 -4.11 -1.56 -11.61
C ASN C 74 -3.66 -2.20 -10.30
N ASN C 75 -3.44 -3.52 -10.21
CA ASN C 75 -2.99 -3.97 -8.89
C ASN C 75 -1.59 -3.44 -8.61
N LEU C 76 -0.84 -3.06 -9.65
CA LEU C 76 0.52 -2.55 -9.41
C LEU C 76 0.57 -1.06 -9.04
N TRP C 77 -0.25 -0.26 -9.71
CA TRP C 77 -0.40 1.15 -9.36
C TRP C 77 -1.74 1.40 -8.70
N SER D 2 -22.31 27.77 -19.72
CA SER D 2 -20.97 27.40 -19.31
C SER D 2 -20.36 28.45 -18.41
N ILE D 3 -19.29 28.04 -17.72
CA ILE D 3 -18.58 28.91 -16.81
C ILE D 3 -17.18 29.17 -17.35
N ASN D 4 -16.82 30.43 -17.50
CA ASN D 4 -15.46 30.79 -17.91
C ASN D 4 -14.48 30.53 -16.77
N LEU D 5 -13.36 29.85 -17.08
CA LEU D 5 -12.34 29.55 -16.08
C LEU D 5 -11.10 30.38 -16.35
N HIS D 6 -10.72 31.17 -15.33
CA HIS D 6 -9.58 32.07 -15.36
C HIS D 6 -8.58 31.67 -14.28
N SER D 7 -7.33 32.10 -14.44
CA SER D 7 -6.33 31.87 -13.43
C SER D 7 -5.49 33.10 -13.25
N ALA D 8 -5.07 33.30 -11.99
CA ALA D 8 -4.22 34.41 -11.60
C ALA D 8 -2.79 34.11 -12.03
N PRO D 9 -1.97 35.15 -12.16
CA PRO D 9 -0.57 34.86 -12.50
C PRO D 9 0.17 34.28 -11.32
N GLU D 10 -0.24 34.64 -10.12
CA GLU D 10 0.33 34.10 -8.89
C GLU D 10 -0.74 33.56 -7.96
N TYR D 11 -0.54 32.36 -7.43
CA TYR D 11 -1.44 31.85 -6.40
C TYR D 11 -0.95 32.27 -5.02
N ASP D 12 -1.87 32.27 -4.06
CA ASP D 12 -1.55 32.65 -2.68
C ASP D 12 -1.59 31.40 -1.80
N PRO D 13 -0.44 31.02 -1.22
CA PRO D 13 -0.38 29.79 -0.44
C PRO D 13 -0.92 29.93 0.98
N SER D 14 -1.46 31.11 1.31
CA SER D 14 -2.11 31.35 2.59
C SER D 14 -3.45 30.67 2.71
N TYR D 15 -4.04 30.33 1.57
CA TYR D 15 -5.29 29.59 1.55
C TYR D 15 -5.02 28.10 1.65
N LYS D 16 -5.61 27.45 2.66
CA LYS D 16 -5.33 26.03 2.82
C LYS D 16 -6.58 25.26 3.19
N LEU D 17 -6.59 23.97 2.87
CA LEU D 17 -7.76 23.11 3.07
C LEU D 17 -7.64 22.31 4.35
N ILE D 18 -8.68 22.35 5.18
CA ILE D 18 -8.67 21.57 6.42
C ILE D 18 -9.87 20.67 6.46
N GLN D 19 -9.69 19.41 6.83
CA GLN D 19 -10.85 18.54 6.97
C GLN D 19 -11.77 19.01 8.08
N LEU D 20 -13.07 19.08 7.78
CA LEU D 20 -14.05 19.38 8.83
C LEU D 20 -14.93 18.17 9.11
N THR D 21 -14.59 17.44 10.17
CA THR D 21 -15.36 16.32 10.66
C THR D 21 -16.75 16.83 11.07
N PRO D 22 -17.73 15.92 11.24
CA PRO D 22 -19.10 16.37 11.58
C PRO D 22 -19.15 17.27 12.82
N GLU D 23 -18.39 16.92 13.86
CA GLU D 23 -18.39 17.71 15.07
C GLU D 23 -17.77 19.09 14.86
N LEU D 24 -16.64 19.11 14.17
CA LEU D 24 -15.97 20.39 13.89
C LEU D 24 -16.87 21.26 13.07
N LEU D 25 -17.54 20.62 12.12
CA LEU D 25 -18.47 21.32 11.27
C LEU D 25 -19.60 21.98 12.09
N ASP D 26 -20.20 21.24 13.03
CA ASP D 26 -21.30 21.82 13.81
C ASP D 26 -20.84 23.00 14.66
N ILE D 27 -19.62 22.91 15.16
CA ILE D 27 -19.10 23.99 15.98
C ILE D 27 -18.87 25.23 15.15
N ILE D 28 -18.26 25.05 14.00
CA ILE D 28 -17.96 26.19 13.16
C ILE D 28 -19.17 26.89 12.56
N GLN D 29 -20.27 26.18 12.36
CA GLN D 29 -21.49 26.85 11.90
C GLN D 29 -22.54 27.09 13.00
N ASP D 30 -22.16 27.87 14.00
CA ASP D 30 -23.05 28.19 15.13
C ASP D 30 -22.44 29.35 15.90
N PRO D 31 -23.11 30.51 15.85
CA PRO D 31 -22.87 31.64 16.75
C PRO D 31 -23.37 31.37 18.16
N HIS D 35 -15.37 32.25 18.04
CA HIS D 35 -13.98 31.93 18.35
C HIS D 35 -13.86 30.65 19.18
N GLN D 36 -14.74 29.67 18.96
CA GLN D 36 -14.74 28.51 19.84
C GLN D 36 -13.69 27.48 19.46
N LEU D 37 -13.12 27.63 18.28
CA LEU D 37 -12.00 26.78 17.90
C LEU D 37 -10.67 27.55 17.92
N ARG D 38 -9.62 26.84 18.31
CA ARG D 38 -8.33 27.47 18.57
C ARG D 38 -7.23 26.57 18.05
N PHE D 39 -6.23 27.12 17.35
CA PHE D 39 -4.99 26.38 17.06
C PHE D 39 -3.96 26.68 18.14
N LYS D 40 -3.15 25.69 18.51
CA LYS D 40 -2.07 25.96 19.48
C LYS D 40 -0.93 24.96 19.35
N SER D 41 0.26 25.39 19.76
CA SER D 41 1.42 24.50 19.93
C SER D 41 2.44 25.04 20.96
N LEU D 42 3.29 24.15 21.45
CA LEU D 42 4.30 24.54 22.43
C LEU D 42 5.25 25.59 21.92
N ASP D 43 5.58 25.53 20.63
CA ASP D 43 6.50 26.49 20.02
C ASP D 43 6.15 26.78 18.56
N LYS D 44 7.00 27.57 17.92
CA LYS D 44 6.80 27.96 16.52
C LYS D 44 7.56 27.04 15.55
N ASP D 45 8.64 26.47 16.09
CA ASP D 45 9.70 25.80 15.34
C ASP D 45 9.54 24.29 15.22
N LYS D 46 9.54 23.61 16.35
CA LYS D 46 9.63 22.15 16.39
C LYS D 46 8.50 21.56 17.27
N SER D 47 7.27 21.37 16.80
CA SER D 47 6.19 20.91 17.72
C SER D 47 4.83 20.77 17.04
N GLU D 48 4.08 19.72 17.42
CA GLU D 48 2.76 19.47 16.81
C GLU D 48 1.83 20.66 17.02
N VAL D 49 0.98 20.92 16.05
CA VAL D 49 -0.10 21.89 16.16
C VAL D 49 -1.35 21.09 16.48
N VAL D 50 -2.12 21.52 17.46
CA VAL D 50 -3.39 20.86 17.73
C VAL D 50 -4.51 21.88 17.57
N LEU D 51 -5.71 21.36 17.39
CA LEU D 51 -6.89 22.19 17.25
C LEU D 51 -7.86 21.81 18.37
N CYS D 52 -8.31 22.80 19.13
CA CYS D 52 -9.08 22.57 20.34
C CYS D 52 -10.40 23.36 20.39
N SER D 53 -11.49 22.71 20.75
CA SER D 53 -12.64 23.40 21.31
C SER D 53 -12.40 23.46 22.82
N HIS D 54 -13.44 23.85 23.57
CA HIS D 54 -13.35 23.95 25.01
C HIS D 54 -13.15 22.59 25.66
N ASP D 55 -13.56 21.53 24.97
CA ASP D 55 -13.67 20.23 25.63
C ASP D 55 -13.02 19.12 24.81
N LYS D 56 -12.53 19.46 23.61
CA LYS D 56 -11.97 18.44 22.75
C LYS D 56 -10.74 18.93 22.04
N THR D 57 -9.93 17.97 21.59
CA THR D 57 -8.67 18.21 20.94
C THR D 57 -8.47 17.43 19.65
N TRP D 58 -7.95 18.08 18.62
CA TRP D 58 -7.58 17.36 17.40
C TRP D 58 -6.14 17.63 17.02
N VAL D 59 -5.51 16.66 16.39
CA VAL D 59 -4.20 16.92 15.82
C VAL D 59 -4.26 17.10 14.31
N LEU D 60 -3.43 18.02 13.79
CA LEU D 60 -3.30 18.29 12.37
C LEU D 60 -2.24 17.44 11.72
N LYS D 61 -2.57 16.91 10.55
CA LYS D 61 -1.56 16.25 9.75
C LYS D 61 -1.69 16.74 8.33
N GLN D 62 -0.58 16.79 7.62
CA GLN D 62 -0.62 17.11 6.19
C GLN D 62 -0.23 15.96 5.30
N ARG D 63 -0.99 15.85 4.22
CA ARG D 63 -0.82 14.80 3.23
C ARG D 63 -0.74 15.42 1.82
N LYS D 64 0.44 15.37 1.20
CA LYS D 64 0.63 15.83 -0.19
C LYS D 64 0.00 14.87 -1.18
N HIS D 65 -0.39 15.40 -2.34
CA HIS D 65 -0.94 14.58 -3.42
C HIS D 65 -0.44 15.07 -4.77
N SER D 66 -0.73 14.32 -5.83
CA SER D 66 -0.19 14.59 -7.16
C SER D 66 -1.13 15.30 -8.13
N ASN D 67 -2.39 15.54 -7.75
CA ASN D 67 -3.27 16.24 -8.68
C ASN D 67 -3.14 17.73 -8.57
N THR D 68 -3.76 18.39 -9.55
CA THR D 68 -4.00 19.81 -9.55
C THR D 68 -5.31 20.07 -8.83
N VAL D 69 -5.27 20.91 -7.81
CA VAL D 69 -6.48 21.35 -7.14
C VAL D 69 -6.51 22.85 -7.17
N LEU D 70 -7.47 23.41 -7.92
CA LEU D 70 -7.69 24.84 -7.89
C LEU D 70 -8.88 25.21 -7.06
N LEU D 71 -8.67 26.18 -6.18
CA LEU D 71 -9.75 26.83 -5.46
C LEU D 71 -10.12 28.04 -6.34
N MET D 72 -11.40 28.16 -6.69
CA MET D 72 -11.81 29.22 -7.62
C MET D 72 -12.93 30.04 -7.01
N ARG D 73 -12.95 31.34 -7.29
CA ARG D 73 -14.06 32.17 -6.81
C ARG D 73 -14.72 32.97 -7.95
N GLU D 74 -16.04 33.08 -7.88
CA GLU D 74 -16.79 33.96 -8.78
C GLU D 74 -16.28 35.38 -8.71
N PHE D 75 -16.12 36.03 -9.85
CA PHE D 75 -15.81 37.45 -9.87
C PHE D 75 -16.60 38.14 -10.95
N VAL D 76 -16.76 39.46 -10.81
CA VAL D 76 -17.50 40.27 -11.75
C VAL D 76 -16.48 40.92 -12.66
N PRO D 77 -16.51 40.57 -13.94
CA PRO D 77 -15.48 41.09 -14.84
C PRO D 77 -15.59 42.59 -14.93
N GLU D 78 -14.46 43.27 -14.90
CA GLU D 78 -14.46 44.72 -15.05
C GLU D 78 -15.10 45.06 -16.39
N GLN D 79 -14.75 44.28 -17.40
CA GLN D 79 -15.29 44.42 -18.76
C GLN D 79 -15.98 43.12 -19.14
N PRO D 80 -16.96 43.16 -20.05
CA PRO D 80 -17.48 41.84 -20.45
C PRO D 80 -16.38 40.96 -21.06
N ILE D 81 -16.43 39.65 -20.79
CA ILE D 81 -15.41 38.76 -21.32
C ILE D 81 -15.78 38.32 -22.74
N THR D 82 -15.07 38.86 -23.73
CA THR D 82 -15.35 38.56 -25.13
C THR D 82 -14.27 37.71 -25.79
N PHE D 83 -14.72 36.72 -26.56
CA PHE D 83 -13.83 35.90 -27.35
C PHE D 83 -14.62 35.22 -28.46
N ASP D 84 -13.89 34.81 -29.50
CA ASP D 84 -14.49 34.02 -30.58
C ASP D 84 -14.71 32.58 -30.21
N GLU D 85 -15.95 32.18 -30.42
CA GLU D 85 -16.37 30.79 -30.43
C GLU D 85 -15.93 30.11 -31.76
N THR D 86 -15.35 28.91 -31.65
CA THR D 86 -14.84 28.15 -32.79
C THR D 86 -15.63 26.89 -33.11
N LEU D 87 -16.41 26.46 -32.14
CA LEU D 87 -17.31 25.28 -32.17
C LEU D 87 -16.58 24.06 -31.67
N LEU D 88 -16.68 23.67 -30.37
CA LEU D 88 -17.41 24.12 -29.13
C LEU D 88 -18.69 23.32 -28.92
N PHE D 89 -18.70 22.06 -29.27
CA PHE D 89 -19.95 21.34 -29.21
C PHE D 89 -20.26 20.94 -27.78
N GLY D 90 -21.53 21.04 -27.42
CA GLY D 90 -21.95 20.89 -26.04
C GLY D 90 -21.31 21.97 -25.19
N LEU D 91 -21.46 23.20 -25.66
CA LEU D 91 -20.98 24.36 -24.92
C LEU D 91 -21.95 25.54 -25.03
N SER D 92 -22.73 25.71 -23.97
CA SER D 92 -23.68 26.82 -23.87
C SER D 92 -22.94 28.12 -23.63
N LYS D 93 -23.63 29.24 -23.79
CA LYS D 93 -23.00 30.53 -23.63
C LYS D 93 -22.51 30.77 -22.17
N PRO D 94 -21.37 31.47 -22.02
CA PRO D 94 -20.86 31.74 -20.67
C PRO D 94 -21.87 32.53 -19.87
N TYR D 95 -22.08 32.20 -18.59
CA TYR D 95 -22.95 33.03 -17.76
C TYR D 95 -22.25 33.52 -16.49
N MET D 96 -21.06 33.01 -16.23
CA MET D 96 -20.23 33.58 -15.20
C MET D 96 -18.76 33.26 -15.41
N ASP D 97 -17.95 33.96 -14.65
CA ASP D 97 -16.52 33.89 -14.67
C ASP D 97 -16.02 33.53 -13.28
N VAL D 98 -15.12 32.57 -13.18
CA VAL D 98 -14.46 32.25 -11.91
C VAL D 98 -12.96 32.31 -12.08
N VAL D 99 -12.25 32.70 -11.01
CA VAL D 99 -10.78 32.79 -11.07
C VAL D 99 -10.12 31.87 -10.03
N GLY D 100 -9.13 31.11 -10.48
CA GLY D 100 -8.40 30.27 -9.55
C GLY D 100 -7.49 31.20 -8.77
N PHE D 101 -7.74 31.37 -7.46
CA PHE D 101 -6.85 32.19 -6.60
C PHE D 101 -5.86 31.35 -5.79
N ALA D 102 -6.13 30.06 -5.63
CA ALA D 102 -5.18 29.21 -4.89
C ALA D 102 -5.01 27.83 -5.53
N LYS D 103 -3.80 27.30 -5.42
CA LYS D 103 -3.52 25.97 -5.94
C LYS D 103 -2.93 25.11 -4.82
N THR D 104 -3.70 24.14 -4.34
CA THR D 104 -3.29 23.36 -3.19
C THR D 104 -2.83 22.00 -3.66
N GLU D 105 -1.71 21.55 -3.09
CA GLU D 105 -1.07 20.28 -3.36
C GLU D 105 -1.13 19.36 -2.14
N SER D 106 -1.99 19.69 -1.17
CA SER D 106 -2.13 18.93 0.07
C SER D 106 -3.42 19.26 0.84
N GLU D 107 -3.84 18.31 1.68
CA GLU D 107 -4.93 18.57 2.60
C GLU D 107 -4.39 18.56 4.01
N PHE D 108 -4.91 19.43 4.86
CA PHE D 108 -4.64 19.25 6.29
C PHE D 108 -5.78 18.45 6.88
N GLU D 109 -5.42 17.25 7.35
CA GLU D 109 -6.35 16.29 7.90
C GLU D 109 -6.44 16.54 9.41
N THR D 110 -7.58 16.21 9.99
CA THR D 110 -7.85 16.47 11.39
C THR D 110 -8.34 15.20 12.07
N ARG D 111 -7.63 14.70 13.07
CA ARG D 111 -8.11 13.51 13.75
C ARG D 111 -8.20 13.72 15.24
N GLU D 112 -9.30 13.24 15.81
CA GLU D 112 -9.52 13.22 17.24
C GLU D 112 -8.27 12.69 17.89
N THR D 113 -7.85 13.36 18.97
CA THR D 113 -6.66 12.94 19.68
C THR D 113 -6.88 13.18 21.18
N HIS D 114 -6.13 12.49 22.03
CA HIS D 114 -6.30 12.70 23.46
C HIS D 114 -5.52 13.88 23.95
N GLY D 115 -6.22 14.88 24.47
CA GLY D 115 -5.53 16.00 25.07
C GLY D 115 -4.64 15.53 26.20
N GLU D 116 -3.48 16.16 26.35
CA GLU D 116 -2.58 15.84 27.44
C GLU D 116 -1.97 17.09 28.05
N LEU D 117 -1.47 16.93 29.27
CA LEU D 117 -0.78 18.00 29.97
C LEU D 117 0.71 17.98 29.68
N ASN D 118 1.27 19.16 29.58
CA ASN D 118 2.69 19.31 29.49
C ASN D 118 3.22 19.53 30.91
N LEU D 119 3.80 18.51 31.50
CA LEU D 119 4.13 18.58 32.92
C LEU D 119 5.63 18.80 33.18
N ASN D 120 6.29 19.64 32.40
CA ASN D 120 7.74 19.53 32.32
C ASN D 120 8.57 20.17 33.44
N SER D 121 8.31 21.41 33.85
CA SER D 121 9.13 21.89 34.99
C SER D 121 8.43 21.66 36.34
N VAL D 122 7.48 20.73 36.36
CA VAL D 122 6.52 20.58 37.48
C VAL D 122 6.92 19.44 38.39
N PRO D 123 7.35 19.78 39.61
CA PRO D 123 7.90 18.84 40.59
C PRO D 123 6.85 17.98 41.31
N ILE D 124 7.31 16.87 41.89
CA ILE D 124 6.54 16.08 42.85
C ILE D 124 6.58 16.70 44.25
N TYR D 125 5.44 16.71 44.94
CA TYR D 125 5.39 17.16 46.33
C TYR D 125 5.10 15.96 47.19
N ASN D 126 5.89 15.80 48.25
CA ASN D 126 5.82 14.63 49.10
C ASN D 126 5.36 15.01 50.49
N GLY D 127 4.87 16.22 50.59
CA GLY D 127 4.69 16.89 51.86
C GLY D 127 6.04 17.04 52.51
N GLU D 128 6.49 18.29 52.57
CA GLU D 128 7.65 18.69 53.35
C GLU D 128 7.31 20.15 53.61
N LEU D 129 7.82 20.79 54.65
CA LEU D 129 7.67 22.24 54.67
C LEU D 129 9.00 22.78 54.17
N ASP D 130 9.03 24.08 53.90
CA ASP D 130 10.16 24.67 53.18
C ASP D 130 10.40 23.89 51.89
N PHE D 131 9.34 23.80 51.07
CA PHE D 131 9.39 23.21 49.73
C PHE D 131 10.38 24.02 48.89
N SER D 132 10.84 25.13 49.47
CA SER D 132 12.00 25.92 49.04
C SER D 132 13.08 25.18 48.24
N ASP D 133 13.76 24.24 48.86
CA ASP D 133 14.87 23.53 48.20
C ASP D 133 14.50 22.81 46.92
N LYS D 134 13.48 21.97 46.99
CA LYS D 134 12.98 21.26 45.80
C LYS D 134 12.54 22.23 44.68
N ILE D 135 12.11 23.43 45.06
CA ILE D 135 11.82 24.52 44.11
C ILE D 135 13.09 25.15 43.52
N MET D 136 14.13 25.33 44.32
CA MET D 136 15.35 26.02 43.89
C MET D 136 16.30 25.13 43.10
N LYS D 137 16.46 23.90 43.58
CA LYS D 137 17.42 22.95 43.03
C LYS D 137 16.68 22.00 42.08
N ARG D 138 15.82 22.62 41.27
CA ARG D 138 14.92 21.95 40.34
C ARG D 138 15.53 21.85 38.91
N SER D 139 14.78 21.16 38.04
CA SER D 139 14.98 21.12 36.59
C SER D 139 15.44 22.45 36.03
N SER D 140 14.53 23.41 35.97
CA SER D 140 14.93 24.73 35.54
C SER D 140 14.39 25.83 36.46
N THR D 141 14.73 27.07 36.14
CA THR D 141 14.58 28.16 37.09
C THR D 141 13.21 28.80 37.00
N LYS D 142 12.79 29.07 35.77
CA LYS D 142 11.46 29.55 35.50
C LYS D 142 10.43 28.66 36.20
N VAL D 143 9.44 29.29 36.81
CA VAL D 143 8.42 28.53 37.50
C VAL D 143 7.10 28.63 36.75
N ILE D 144 6.39 27.52 36.66
CA ILE D 144 5.01 27.59 36.22
C ILE D 144 4.18 27.84 37.47
N GLY D 145 3.62 29.04 37.56
CA GLY D 145 2.94 29.48 38.77
C GLY D 145 1.46 29.17 38.76
N THR D 146 0.84 29.31 37.59
CA THR D 146 -0.62 29.21 37.48
C THR D 146 -1.07 28.09 36.53
N LEU D 147 -2.27 27.58 36.78
CA LEU D 147 -2.82 26.48 35.99
C LEU D 147 -3.08 26.89 34.54
N GLU D 148 -3.44 28.17 34.37
CA GLU D 148 -3.73 28.72 33.04
C GLU D 148 -2.47 28.66 32.21
N GLU D 149 -1.35 28.99 32.82
CA GLU D 149 -0.06 28.92 32.17
C GLU D 149 0.24 27.48 31.78
N LEU D 150 0.01 26.56 32.72
CA LEU D 150 0.18 25.13 32.44
C LEU D 150 -0.67 24.71 31.25
N LEU D 151 -1.94 25.08 31.24
CA LEU D 151 -2.83 24.65 30.16
C LEU D 151 -2.43 25.25 28.84
N GLU D 152 -2.14 26.55 28.84
CA GLU D 152 -1.83 27.24 27.60
C GLU D 152 -0.58 26.66 26.96
N ASN D 153 0.29 26.07 27.78
CA ASN D 153 1.47 25.41 27.23
C ASN D 153 1.28 23.91 27.11
N SER D 154 0.03 23.50 26.97
CA SER D 154 -0.27 22.08 26.89
C SER D 154 -1.04 21.79 25.60
N PRO D 155 -0.79 20.62 25.01
CA PRO D 155 -1.54 20.17 23.83
C PRO D 155 -2.86 19.53 24.21
N CYS D 156 -3.81 20.34 24.69
CA CYS D 156 -5.13 19.86 25.07
C CYS D 156 -6.12 21.00 25.29
N SER D 157 -7.41 20.67 25.40
CA SER D 157 -8.45 21.69 25.68
C SER D 157 -8.52 22.02 27.16
N ALA D 158 -9.16 23.14 27.44
CA ALA D 158 -9.36 23.62 28.80
C ALA D 158 -9.93 22.52 29.71
N LEU D 159 -11.08 21.95 29.33
CA LEU D 159 -11.73 21.00 30.23
C LEU D 159 -10.95 19.70 30.32
N GLU D 160 -10.37 19.25 29.21
CA GLU D 160 -9.54 18.07 29.28
C GLU D 160 -8.37 18.30 30.21
N GLY D 161 -7.81 19.50 30.19
CA GLY D 161 -6.64 19.81 31.02
C GLY D 161 -7.01 19.83 32.49
N ILE D 162 -8.05 20.59 32.82
CA ILE D 162 -8.57 20.68 34.17
C ILE D 162 -8.88 19.29 34.70
N SER D 163 -9.56 18.49 33.90
CA SER D 163 -9.92 17.13 34.32
C SER D 163 -8.69 16.24 34.59
N LYS D 164 -7.67 16.31 33.74
CA LYS D 164 -6.46 15.53 33.96
C LYS D 164 -5.70 15.99 35.21
N TRP D 165 -5.68 17.31 35.41
CA TRP D 165 -5.08 17.92 36.57
C TRP D 165 -5.68 17.36 37.86
N HIS D 166 -7.00 17.28 37.90
CA HIS D 166 -7.67 16.77 39.09
C HIS D 166 -7.41 15.30 39.36
N LYS D 167 -7.27 14.51 38.31
CA LYS D 167 -7.18 13.06 38.51
C LYS D 167 -5.75 12.65 38.84
N ILE D 168 -4.76 13.42 38.41
CA ILE D 168 -3.37 13.08 38.72
C ILE D 168 -2.92 13.72 40.02
N GLY D 169 -3.79 14.53 40.61
CA GLY D 169 -3.55 15.18 41.88
C GLY D 169 -2.63 16.38 41.84
N GLY D 170 -2.79 17.24 40.83
CA GLY D 170 -2.04 18.48 40.78
C GLY D 170 -2.49 19.48 41.85
N SER D 171 -1.54 20.29 42.32
CA SER D 171 -1.78 21.25 43.38
C SER D 171 -0.79 22.40 43.21
N VAL D 172 -0.70 23.28 44.22
CA VAL D 172 0.36 24.28 44.26
C VAL D 172 0.92 24.49 45.68
N LYS D 173 2.22 24.79 45.77
CA LYS D 173 2.81 25.18 47.04
C LYS D 173 3.75 26.36 46.84
N ASP D 174 3.52 27.40 47.64
CA ASP D 174 4.31 28.63 47.60
C ASP D 174 4.37 29.24 46.21
N GLY D 175 3.25 29.18 45.49
CA GLY D 175 3.15 29.77 44.17
C GLY D 175 3.77 29.00 43.02
N VAL D 176 4.04 27.71 43.23
CA VAL D 176 4.63 26.86 42.20
C VAL D 176 3.80 25.58 42.07
N LEU D 177 3.24 25.36 40.88
CA LEU D 177 2.40 24.20 40.61
C LEU D 177 3.20 22.96 40.96
N CYS D 178 2.52 21.91 41.42
CA CYS D 178 3.20 20.65 41.72
C CYS D 178 2.25 19.49 41.58
N ILE D 179 2.78 18.28 41.63
CA ILE D 179 1.96 17.10 41.60
C ILE D 179 2.23 16.32 42.89
N LEU D 180 1.17 15.87 43.54
CA LEU D 180 1.33 15.16 44.79
C LEU D 180 1.80 13.76 44.55
N SER D 181 2.70 13.32 45.42
CA SER D 181 3.14 11.93 45.42
C SER D 181 1.96 11.07 45.81
N GLN D 182 1.96 9.82 45.37
CA GLN D 182 0.90 8.90 45.74
C GLN D 182 0.81 8.75 47.25
N ASP D 183 1.96 8.68 47.92
CA ASP D 183 1.98 8.52 49.38
C ASP D 183 1.35 9.72 50.07
N PHE D 184 1.80 10.92 49.73
CA PHE D 184 1.26 12.12 50.37
C PHE D 184 -0.21 12.38 49.99
N LEU D 185 -0.59 12.04 48.77
CA LEU D 185 -1.99 12.19 48.33
C LEU D 185 -2.87 11.39 49.28
N PHE D 186 -2.47 10.14 49.43
CA PHE D 186 -3.17 9.21 50.27
C PHE D 186 -3.19 9.70 51.72
N LYS D 187 -2.04 10.19 52.21
CA LYS D 187 -1.97 10.70 53.58
C LYS D 187 -2.87 11.92 53.76
N ALA D 188 -2.81 12.84 52.81
CA ALA D 188 -3.66 14.02 52.87
C ALA D 188 -5.12 13.63 52.92
N LEU D 189 -5.47 12.59 52.16
CA LEU D 189 -6.85 12.08 52.15
C LEU D 189 -7.27 11.54 53.50
N HIS D 190 -6.43 10.66 54.06
CA HIS D 190 -6.67 10.04 55.38
C HIS D 190 -6.91 11.10 56.45
N VAL D 191 -6.07 12.11 56.45
CA VAL D 191 -6.17 13.20 57.42
C VAL D 191 -7.44 14.00 57.22
N LEU D 192 -7.79 14.20 55.96
CA LEU D 192 -9.02 14.91 55.63
C LEU D 192 -10.23 14.06 56.10
N LEU D 193 -10.22 12.77 55.84
CA LEU D 193 -11.31 11.92 56.31
C LEU D 193 -11.38 11.93 57.86
N MET D 194 -10.24 11.72 58.51
CA MET D 194 -10.24 11.76 59.97
C MET D 194 -10.87 13.05 60.48
N SER D 195 -10.42 14.17 59.93
CA SER D 195 -10.85 15.46 60.45
C SER D 195 -12.32 15.70 60.19
N ALA D 196 -12.83 15.25 59.03
CA ALA D 196 -14.22 15.51 58.67
C ALA D 196 -15.15 14.80 59.62
N MET D 197 -14.78 13.58 60.00
CA MET D 197 -15.57 12.86 60.98
C MET D 197 -15.49 13.48 62.36
N ALA D 198 -14.30 13.91 62.74
CA ALA D 198 -14.09 14.50 64.05
C ALA D 198 -14.90 15.79 64.24
N GLU D 199 -15.21 16.47 63.16
CA GLU D 199 -16.01 17.70 63.28
C GLU D 199 -17.42 17.50 62.72
N SER D 200 -17.76 16.24 62.43
CA SER D 200 -19.11 15.88 62.00
C SER D 200 -19.50 16.68 60.76
N LEU D 201 -18.56 16.78 59.82
CA LEU D 201 -18.84 17.53 58.59
C LEU D 201 -19.80 16.78 57.69
N ASP D 202 -20.56 17.52 56.90
CA ASP D 202 -21.43 16.92 55.90
C ASP D 202 -20.62 16.40 54.71
N LEU D 203 -20.36 15.10 54.66
CA LEU D 203 -19.61 14.50 53.55
C LEU D 203 -20.24 14.60 52.15
N GLN D 204 -21.52 14.97 52.04
CA GLN D 204 -22.14 15.18 50.72
C GLN D 204 -21.95 16.61 50.26
N HIS D 205 -21.64 17.49 51.20
CA HIS D 205 -21.56 18.93 50.92
C HIS D 205 -20.35 19.63 51.54
N LEU D 206 -19.14 19.19 51.21
CA LEU D 206 -17.93 19.81 51.76
C LEU D 206 -17.41 21.03 51.00
N ASN D 207 -16.72 21.90 51.73
CA ASN D 207 -16.09 23.05 51.12
C ASN D 207 -14.65 23.16 51.60
N VAL D 208 -13.87 23.95 50.87
CA VAL D 208 -12.44 24.03 51.13
C VAL D 208 -12.17 24.65 52.50
N GLU D 209 -12.89 25.73 52.81
CA GLU D 209 -12.64 26.48 54.04
C GLU D 209 -12.90 25.64 55.31
N ASP D 210 -14.11 25.09 55.44
CA ASP D 210 -14.45 24.38 56.66
C ASP D 210 -13.59 23.14 56.79
N THR D 211 -13.33 22.49 55.66
CA THR D 211 -12.55 21.25 55.67
C THR D 211 -11.11 21.57 56.04
N HIS D 212 -10.55 22.61 55.44
CA HIS D 212 -9.24 23.12 55.84
C HIS D 212 -9.17 23.46 57.34
N HIS D 213 -10.16 24.18 57.85
CA HIS D 213 -10.23 24.51 59.28
C HIS D 213 -10.28 23.27 60.16
N ALA D 214 -11.14 22.33 59.79
CA ALA D 214 -11.28 21.09 60.54
C ALA D 214 -9.95 20.37 60.68
N VAL D 215 -9.14 20.42 59.61
CA VAL D 215 -7.88 19.69 59.59
C VAL D 215 -6.82 20.39 60.46
N GLY D 216 -6.75 21.71 60.35
CA GLY D 216 -5.64 22.46 60.91
C GLY D 216 -5.88 23.31 62.15
N LYS D 217 -7.14 23.42 62.61
CA LYS D 217 -7.48 24.31 63.74
C LYS D 217 -6.71 24.02 65.02
N ASP D 218 -6.29 22.78 65.23
CA ASP D 218 -5.50 22.40 66.40
C ASP D 218 -4.04 22.07 66.06
N ILE D 219 -3.56 22.53 64.91
CA ILE D 219 -2.16 22.31 64.55
C ILE D 219 -1.44 23.63 64.45
N GLU D 220 -0.20 23.63 64.87
CA GLU D 220 0.67 24.77 64.72
C GLU D 220 0.91 24.92 63.22
N ASP D 221 0.62 26.10 62.67
CA ASP D 221 0.69 26.34 61.23
C ASP D 221 1.97 25.88 60.57
N GLU D 222 3.10 26.19 61.19
CA GLU D 222 4.40 25.87 60.63
C GLU D 222 4.70 24.37 60.51
N PHE D 223 3.91 23.52 61.15
CA PHE D 223 4.07 22.08 60.91
C PHE D 223 2.89 21.50 60.13
N ASN D 224 2.11 22.35 59.49
CA ASN D 224 0.90 21.92 58.78
C ASN D 224 1.05 22.05 57.26
N PRO D 225 1.21 20.91 56.56
CA PRO D 225 1.33 20.95 55.10
C PRO D 225 -0.02 20.98 54.38
N TYR D 226 -1.09 20.67 55.11
CA TYR D 226 -2.38 20.56 54.46
C TYR D 226 -2.96 21.95 54.28
N THR D 227 -2.38 22.71 53.36
CA THR D 227 -2.89 24.05 53.07
C THR D 227 -4.20 23.95 52.27
N ARG D 228 -4.83 25.10 52.00
CA ARG D 228 -6.11 25.10 51.29
C ARG D 228 -6.01 24.44 49.93
N GLU D 229 -4.89 24.64 49.25
CA GLU D 229 -4.72 24.12 47.90
C GLU D 229 -4.59 22.62 47.96
N ILE D 230 -3.99 22.16 49.04
CA ILE D 230 -3.83 20.74 49.20
C ILE D 230 -5.19 20.14 49.40
N ILE D 231 -6.01 20.82 50.19
CA ILE D 231 -7.34 20.31 50.51
C ILE D 231 -8.16 20.23 49.23
N GLU D 232 -8.08 21.29 48.44
CA GLU D 232 -8.83 21.37 47.18
C GLU D 232 -8.45 20.22 46.26
N THR D 233 -7.16 19.96 46.14
CA THR D 233 -6.65 18.87 45.35
C THR D 233 -7.24 17.53 45.76
N VAL D 234 -7.23 17.25 47.06
CA VAL D 234 -7.80 16.02 47.59
C VAL D 234 -9.30 15.92 47.28
N LEU D 235 -10.02 17.04 47.38
CA LEU D 235 -11.45 17.04 47.05
C LEU D 235 -11.65 16.79 45.54
N ASN D 236 -10.79 17.37 44.69
CA ASN D 236 -10.95 17.19 43.24
C ASN D 236 -10.59 15.79 42.77
N LYS D 237 -9.84 15.07 43.60
CA LYS D 237 -9.50 13.68 43.31
C LYS D 237 -10.60 12.72 43.77
N PHE D 238 -11.05 12.89 45.01
CA PHE D 238 -11.90 11.87 45.65
C PHE D 238 -13.36 12.28 45.81
N ALA D 239 -13.68 13.49 45.35
CA ALA D 239 -15.04 13.96 45.48
C ALA D 239 -15.50 14.59 44.18
N VAL D 240 -16.80 14.86 44.09
CA VAL D 240 -17.35 15.48 42.91
C VAL D 240 -17.96 16.81 43.33
N GLN D 241 -17.58 17.87 42.63
CA GLN D 241 -18.09 19.21 42.90
C GLN D 241 -19.37 19.50 42.13
N GLU D 242 -20.33 20.11 42.81
CA GLU D 242 -21.65 20.35 42.21
C GLU D 242 -21.64 21.57 41.29
N GLN D 243 -22.53 21.52 40.29
CA GLN D 243 -22.62 22.51 39.21
C GLN D 243 -21.29 22.82 38.51
N ASN D 248 -21.04 24.60 43.80
CA ASN D 248 -20.25 25.24 44.86
C ASN D 248 -19.49 24.23 45.70
N THR D 249 -20.11 23.10 46.02
CA THR D 249 -19.57 22.26 47.08
C THR D 249 -19.21 20.86 46.58
N TRP D 250 -18.53 20.07 47.41
CA TRP D 250 -18.12 18.73 46.98
C TRP D 250 -18.83 17.58 47.66
N ARG D 251 -18.94 16.49 46.91
CA ARG D 251 -19.60 15.26 47.32
C ARG D 251 -18.59 14.12 47.26
N LEU D 252 -18.34 13.48 48.40
CA LEU D 252 -17.36 12.41 48.42
C LEU D 252 -17.76 11.20 47.60
N ARG D 253 -16.79 10.64 46.87
CA ARG D 253 -16.98 9.43 46.11
C ARG D 253 -16.67 8.24 47.03
N ILE D 254 -17.62 7.86 47.88
CA ILE D 254 -17.37 6.83 48.91
C ILE D 254 -16.96 5.47 48.36
N PRO D 255 -17.66 4.95 47.31
CA PRO D 255 -17.12 3.70 46.78
C PRO D 255 -15.69 3.81 46.27
N PHE D 256 -15.40 4.84 45.49
CA PHE D 256 -14.06 5.04 44.94
C PHE D 256 -13.01 5.07 46.08
N ILE D 257 -13.36 5.75 47.15
CA ILE D 257 -12.45 5.86 48.28
C ILE D 257 -12.25 4.49 48.88
N ALA D 258 -13.35 3.76 49.00
CA ALA D 258 -13.28 2.40 49.51
C ALA D 258 -12.36 1.52 48.65
N GLN D 259 -12.52 1.58 47.33
CA GLN D 259 -11.67 0.84 46.40
C GLN D 259 -10.21 1.18 46.59
N TRP D 260 -9.99 2.47 46.73
CA TRP D 260 -8.65 3.01 46.75
C TRP D 260 -7.90 2.44 47.96
N TYR D 261 -8.58 2.44 49.10
CA TYR D 261 -8.07 1.82 50.31
C TYR D 261 -7.91 0.33 50.15
N GLY D 262 -8.84 -0.28 49.43
CA GLY D 262 -8.80 -1.71 49.22
C GLY D 262 -7.61 -2.15 48.39
N ILE D 263 -7.24 -1.36 47.40
CA ILE D 263 -6.12 -1.73 46.55
C ILE D 263 -4.83 -1.74 47.37
N GLN D 264 -4.68 -0.70 48.18
CA GLN D 264 -3.55 -0.60 49.08
C GLN D 264 -3.53 -1.80 50.01
N ALA D 265 -4.70 -2.15 50.53
CA ALA D 265 -4.83 -3.35 51.36
C ALA D 265 -4.35 -4.58 50.63
N LEU D 266 -4.80 -4.76 49.38
CA LEU D 266 -4.37 -5.87 48.54
C LEU D 266 -2.86 -5.90 48.38
N ARG D 267 -2.26 -4.75 48.09
CA ARG D 267 -0.82 -4.70 47.91
C ARG D 267 -0.04 -5.05 49.19
N LYS D 268 -0.49 -4.58 50.34
CA LYS D 268 0.26 -4.74 51.60
C LYS D 268 0.14 -6.12 52.15
N TYR D 269 -1.09 -6.61 52.16
CA TYR D 269 -1.37 -7.97 52.61
C TYR D 269 -1.44 -8.71 51.28
N VAL D 270 -1.91 -9.94 51.27
CA VAL D 270 -1.98 -10.79 50.06
C VAL D 270 -1.21 -10.45 48.77
N SER D 271 0.03 -9.98 48.90
CA SER D 271 0.75 -9.61 47.69
C SER D 271 1.44 -10.84 47.11
N GLY D 272 2.20 -11.57 47.91
CA GLY D 272 2.77 -12.80 47.39
C GLY D 272 2.00 -14.04 47.82
N ILE D 273 0.94 -13.86 48.59
CA ILE D 273 0.32 -14.97 49.31
C ILE D 273 -1.16 -14.71 49.43
N SER D 274 -1.97 -15.76 49.57
CA SER D 274 -3.41 -15.56 49.69
C SER D 274 -3.87 -15.50 51.12
N MET D 275 -5.13 -15.10 51.31
CA MET D 275 -5.73 -15.00 52.63
C MET D 275 -7.24 -15.20 52.50
N PRO D 276 -7.87 -15.80 53.53
CA PRO D 276 -9.34 -15.91 53.49
C PRO D 276 -10.02 -14.55 53.30
N ILE D 277 -11.04 -14.52 52.46
CA ILE D 277 -11.63 -13.25 52.05
C ILE D 277 -12.13 -12.48 53.25
N ASP D 278 -12.98 -13.09 54.07
CA ASP D 278 -13.51 -12.42 55.25
C ASP D 278 -12.43 -11.91 56.20
N GLU D 279 -11.30 -12.60 56.27
CA GLU D 279 -10.19 -12.14 57.09
C GLU D 279 -9.48 -10.96 56.44
N PHE D 280 -9.41 -10.99 55.12
CA PHE D 280 -8.90 -9.85 54.38
C PHE D 280 -9.76 -8.60 54.59
N LEU D 281 -11.07 -8.80 54.51
CA LEU D 281 -12.06 -7.74 54.71
C LEU D 281 -11.84 -6.99 56.02
N ILE D 282 -11.56 -7.75 57.09
CA ILE D 282 -11.28 -7.17 58.39
C ILE D 282 -10.08 -6.23 58.32
N LYS D 283 -9.00 -6.69 57.68
CA LYS D 283 -7.81 -5.86 57.59
C LYS D 283 -8.03 -4.64 56.71
N TRP D 284 -8.73 -4.83 55.61
CA TRP D 284 -9.11 -3.73 54.76
C TRP D 284 -9.92 -2.68 55.56
N LYS D 285 -10.97 -3.12 56.23
CA LYS D 285 -11.80 -2.23 57.06
C LYS D 285 -11.02 -1.49 58.17
N SER D 286 -9.97 -2.12 58.69
CA SER D 286 -9.22 -1.53 59.79
C SER D 286 -8.36 -0.34 59.35
N LEU D 287 -8.01 -0.29 58.07
CA LEU D 287 -7.27 0.82 57.49
C LEU D 287 -8.03 2.14 57.46
N PHE D 288 -9.34 2.04 57.49
CA PHE D 288 -10.16 3.25 57.49
C PHE D 288 -10.05 3.96 58.84
N PRO D 289 -10.26 5.28 58.84
CA PRO D 289 -10.43 6.03 60.07
C PRO D 289 -11.76 5.69 60.73
N PRO D 290 -11.77 5.59 62.07
CA PRO D 290 -12.95 5.07 62.79
C PRO D 290 -14.21 5.85 62.47
N PHE D 291 -15.32 5.14 62.38
CA PHE D 291 -16.63 5.74 62.18
C PHE D 291 -16.78 6.27 60.75
N PHE D 292 -15.89 5.86 59.84
CA PHE D 292 -16.00 6.27 58.43
C PHE D 292 -16.99 5.36 57.75
N PRO D 293 -18.09 5.94 57.25
CA PRO D 293 -19.22 5.21 56.64
C PRO D 293 -18.91 4.66 55.26
N CYS D 294 -18.71 3.36 55.16
CA CYS D 294 -18.64 2.69 53.86
C CYS D 294 -18.86 1.19 54.06
N ASP D 295 -19.51 0.56 53.09
CA ASP D 295 -19.68 -0.89 53.12
C ASP D 295 -18.83 -1.51 52.04
N ILE D 296 -17.89 -2.34 52.46
CA ILE D 296 -16.85 -2.81 51.57
C ILE D 296 -17.24 -4.16 51.05
N ASP D 297 -16.86 -4.43 49.81
CA ASP D 297 -17.17 -5.69 49.19
C ASP D 297 -16.04 -6.03 48.23
N ILE D 298 -15.61 -7.29 48.24
CA ILE D 298 -14.48 -7.74 47.43
C ILE D 298 -14.66 -7.45 45.93
N ASP D 299 -15.90 -7.36 45.47
CA ASP D 299 -16.16 -7.05 44.06
C ASP D 299 -15.77 -5.62 43.67
N MET D 300 -15.52 -4.78 44.66
CA MET D 300 -15.05 -3.44 44.38
C MET D 300 -13.63 -3.49 43.88
N LEU D 301 -12.97 -4.62 44.12
CA LEU D 301 -11.56 -4.76 43.78
C LEU D 301 -11.32 -5.65 42.56
N ARG D 302 -12.37 -5.87 41.75
CA ARG D 302 -12.22 -6.58 40.49
C ARG D 302 -11.21 -5.87 39.59
N GLY D 303 -10.36 -6.65 38.94
CA GLY D 303 -9.27 -6.08 38.19
C GLY D 303 -7.98 -5.99 38.99
N TYR D 304 -8.06 -6.16 40.30
CA TYR D 304 -6.85 -6.06 41.11
C TYR D 304 -6.54 -7.34 41.89
N HIS D 305 -7.40 -8.35 41.77
CA HIS D 305 -7.17 -9.58 42.51
C HIS D 305 -7.68 -10.83 41.82
N PHE D 306 -7.26 -11.97 42.34
CA PHE D 306 -7.83 -13.26 41.94
C PHE D 306 -8.09 -14.14 43.15
N LYS D 307 -8.79 -15.23 42.91
CA LYS D 307 -9.26 -16.08 43.99
C LYS D 307 -8.71 -17.47 43.76
N PRO D 308 -7.54 -17.76 44.37
CA PRO D 308 -6.86 -19.05 44.21
C PRO D 308 -7.82 -20.18 44.57
N THR D 309 -8.56 -20.01 45.65
CA THR D 309 -9.72 -20.85 45.96
C THR D 309 -11.02 -20.07 46.11
N ASP D 310 -12.11 -20.82 46.25
CA ASP D 310 -13.45 -20.33 46.60
C ASP D 310 -13.47 -19.11 47.53
N LYS D 311 -12.91 -19.29 48.73
CA LYS D 311 -12.89 -18.26 49.77
C LYS D 311 -11.50 -17.69 50.14
N THR D 312 -10.55 -17.69 49.21
CA THR D 312 -9.29 -16.97 49.44
C THR D 312 -9.06 -15.89 48.38
N VAL D 313 -8.19 -14.92 48.71
CA VAL D 313 -7.93 -13.78 47.83
C VAL D 313 -6.45 -13.50 47.74
N GLN D 314 -6.02 -13.04 46.57
CA GLN D 314 -4.63 -12.64 46.35
C GLN D 314 -4.53 -11.51 45.34
N TYR D 315 -3.59 -10.63 45.58
CA TYR D 315 -3.42 -9.46 44.74
C TYR D 315 -2.88 -9.89 43.40
N ILE D 316 -3.26 -9.17 42.35
CA ILE D 316 -2.57 -9.28 41.07
C ILE D 316 -2.44 -7.92 40.39
N ALA D 317 -1.26 -7.67 39.83
CA ALA D 317 -1.03 -6.47 39.00
C ALA D 317 -1.05 -6.84 37.51
N LYS D 318 -1.94 -6.19 36.75
CA LYS D 318 -2.14 -6.53 35.32
C LYS D 318 -0.84 -6.37 34.49
N SER D 319 -0.06 -5.32 34.79
CA SER D 319 1.22 -5.11 34.14
C SER D 319 2.18 -6.31 34.25
N THR D 320 1.95 -7.22 35.19
CA THR D 320 2.79 -8.42 35.28
C THR D 320 2.45 -9.52 34.27
N LEU D 321 1.29 -9.42 33.63
CA LEU D 321 0.76 -10.50 32.80
C LEU D 321 1.45 -10.61 31.42
N PRO D 322 1.42 -11.81 30.81
CA PRO D 322 2.01 -12.01 29.48
C PRO D 322 1.19 -11.27 28.41
N MET D 323 1.88 -10.87 27.35
CA MET D 323 1.31 -9.97 26.35
C MET D 323 0.52 -10.67 25.23
N ASP D 324 0.99 -11.81 24.78
CA ASP D 324 0.21 -12.65 23.89
C ASP D 324 -1.07 -13.10 24.64
N PRO D 325 -2.27 -12.84 24.07
CA PRO D 325 -3.56 -13.09 24.77
C PRO D 325 -3.80 -14.56 25.12
N LYS D 326 -3.26 -15.46 24.30
CA LYS D 326 -3.31 -16.88 24.60
C LYS D 326 -2.46 -17.16 25.82
N GLU D 327 -1.33 -16.46 25.87
CA GLU D 327 -0.43 -16.52 27.01
C GLU D 327 -1.05 -15.95 28.28
N ARG D 328 -1.78 -14.85 28.17
CA ARG D 328 -2.44 -14.28 29.36
C ARG D 328 -3.45 -15.24 29.94
N PHE D 329 -4.38 -15.71 29.09
CA PHE D 329 -5.41 -16.65 29.50
C PHE D 329 -4.81 -17.94 30.02
N LYS D 330 -3.71 -18.38 29.43
CA LYS D 330 -3.00 -19.53 29.99
C LYS D 330 -2.63 -19.24 31.45
N VAL D 331 -2.03 -18.07 31.70
CA VAL D 331 -1.52 -17.73 33.02
C VAL D 331 -2.62 -17.48 34.04
N LEU D 332 -3.72 -16.89 33.62
CA LEU D 332 -4.79 -16.63 34.56
C LEU D 332 -5.43 -17.93 35.06
N PHE D 333 -5.79 -18.80 34.12
CA PHE D 333 -6.34 -20.10 34.46
C PHE D 333 -5.40 -21.00 35.27
N ARG D 334 -4.08 -20.80 35.14
CA ARG D 334 -3.15 -21.59 35.92
C ARG D 334 -3.17 -21.10 37.37
N LEU D 335 -3.35 -19.79 37.54
CA LEU D 335 -3.55 -19.21 38.87
C LEU D 335 -4.94 -19.51 39.46
N GLN D 336 -5.95 -19.66 38.61
CA GLN D 336 -7.33 -19.89 39.08
C GLN D 336 -8.14 -20.57 37.98
N SER D 337 -8.58 -21.80 38.25
CA SER D 337 -9.20 -22.63 37.24
C SER D 337 -10.55 -22.11 36.72
N GLN D 338 -11.39 -21.63 37.64
CA GLN D 338 -12.72 -21.15 37.30
C GLN D 338 -12.87 -19.71 37.70
N TRP D 339 -13.33 -18.90 36.77
CA TRP D 339 -13.55 -17.49 37.04
C TRP D 339 -15.04 -17.18 36.97
N ASP D 340 -15.59 -16.55 38.01
CA ASP D 340 -16.89 -15.89 37.84
C ASP D 340 -16.65 -14.98 36.63
N LEU D 341 -17.66 -14.77 35.78
CA LEU D 341 -17.43 -14.20 34.45
C LEU D 341 -16.51 -12.97 34.38
N GLU D 342 -16.74 -11.90 35.12
CA GLU D 342 -15.80 -10.76 35.00
C GLU D 342 -15.07 -10.33 36.29
N ASP D 343 -14.73 -11.30 37.15
CA ASP D 343 -13.56 -11.10 37.99
C ASP D 343 -12.45 -11.02 36.93
N ILE D 344 -12.63 -11.80 35.86
CA ILE D 344 -11.57 -11.96 34.86
C ILE D 344 -11.57 -10.95 33.69
N LYS D 345 -12.67 -10.28 33.40
CA LYS D 345 -12.60 -9.43 32.20
C LYS D 345 -11.65 -8.18 32.34
N PRO D 346 -11.64 -7.50 33.51
CA PRO D 346 -10.72 -6.36 33.64
C PRO D 346 -9.25 -6.73 33.44
N LEU D 347 -8.93 -8.00 33.59
CA LEU D 347 -7.57 -8.46 33.43
C LEU D 347 -7.20 -8.73 31.97
N ILE D 348 -8.17 -8.66 31.06
CA ILE D 348 -7.90 -9.02 29.66
C ILE D 348 -8.34 -8.07 28.50
N GLU D 349 -9.19 -7.08 28.74
CA GLU D 349 -9.67 -6.21 27.64
C GLU D 349 -8.59 -5.67 26.69
N GLU D 350 -7.46 -5.26 27.25
CA GLU D 350 -6.36 -4.78 26.44
C GLU D 350 -5.95 -5.80 25.37
N SER D 353 -8.35 -5.86 21.39
CA SER D 353 -7.41 -5.15 20.51
C SER D 353 -8.08 -4.85 19.17
N ARG D 354 -8.85 -5.84 18.67
CA ARG D 354 -9.64 -5.70 17.44
C ARG D 354 -11.09 -5.23 17.68
N GLY D 355 -11.30 -4.48 18.76
CA GLY D 355 -12.65 -4.09 19.17
C GLY D 355 -13.78 -5.09 18.96
N MET D 356 -13.49 -6.38 19.18
CA MET D 356 -14.53 -7.42 19.14
C MET D 356 -15.57 -7.14 20.20
N LYS D 357 -16.75 -7.77 20.11
CA LYS D 357 -17.63 -7.78 21.26
C LYS D 357 -16.79 -8.47 22.29
N ILE D 358 -16.60 -7.82 23.43
CA ILE D 358 -15.59 -8.23 24.40
C ILE D 358 -15.77 -9.66 24.94
N ASP D 359 -16.99 -10.21 24.96
CA ASP D 359 -17.15 -11.61 25.41
C ASP D 359 -17.06 -12.63 24.28
N SER D 360 -17.12 -12.15 23.06
CA SER D 360 -16.75 -12.92 21.90
C SER D 360 -15.23 -13.14 21.96
N PHE D 361 -14.51 -12.09 22.35
CA PHE D 361 -13.06 -12.13 22.53
C PHE D 361 -12.63 -13.24 23.52
N ILE D 362 -13.38 -13.41 24.58
CA ILE D 362 -13.02 -14.41 25.59
C ILE D 362 -13.26 -15.84 25.10
N MET D 363 -14.38 -16.02 24.43
CA MET D 363 -14.75 -17.35 23.95
C MET D 363 -13.78 -17.86 22.89
N LYS D 364 -13.03 -16.95 22.30
CA LYS D 364 -11.93 -17.33 21.44
C LYS D 364 -10.91 -18.13 22.22
N TYR D 365 -10.71 -17.73 23.48
CA TYR D 365 -9.67 -18.32 24.29
C TYR D 365 -10.15 -19.06 25.54
N ALA D 366 -11.44 -19.03 25.80
CA ALA D 366 -11.95 -19.63 27.02
C ALA D 366 -13.33 -20.18 26.79
N ARG D 367 -13.73 -21.15 27.60
CA ARG D 367 -15.04 -21.73 27.38
C ARG D 367 -15.87 -21.58 28.63
N ARG D 368 -17.15 -21.30 28.41
CA ARG D 368 -18.03 -21.04 29.52
C ARG D 368 -18.77 -22.32 29.90
N LYS D 369 -19.01 -22.45 31.20
CA LYS D 369 -19.51 -23.66 31.81
C LYS D 369 -20.23 -23.14 33.04
N ARG D 370 -21.48 -23.52 33.17
CA ARG D 370 -22.34 -22.91 34.17
C ARG D 370 -22.63 -23.88 35.32
N LEU D 371 -22.48 -23.36 36.54
CA LEU D 371 -22.57 -24.19 37.72
C LEU D 371 -23.73 -23.68 38.57
N GLY D 372 -24.57 -24.62 39.01
CA GLY D 372 -25.81 -24.37 39.72
C GLY D 372 -26.44 -22.99 39.59
N LYS D 373 -25.78 -22.01 40.19
CA LYS D 373 -26.17 -20.61 40.09
C LYS D 373 -25.43 -19.89 38.97
N LYS D 374 -24.11 -20.06 39.01
CA LYS D 374 -23.16 -19.26 38.24
C LYS D 374 -23.11 -19.42 36.73
N THR D 375 -22.57 -18.39 36.10
CA THR D 375 -21.87 -18.56 34.84
C THR D 375 -20.39 -18.41 35.22
N VAL D 376 -19.61 -19.48 35.10
CA VAL D 376 -18.16 -19.32 35.26
C VAL D 376 -17.46 -19.52 33.91
N VAL D 377 -16.18 -19.17 33.89
CA VAL D 377 -15.33 -19.32 32.72
C VAL D 377 -14.16 -20.24 33.02
N THR D 378 -13.75 -21.04 32.04
CA THR D 378 -12.56 -21.87 32.21
C THR D 378 -11.82 -21.98 30.89
N SER D 379 -10.63 -22.55 30.97
CA SER D 379 -9.83 -22.84 29.79
C SER D 379 -10.51 -23.87 28.90
N ARG D 380 -10.36 -23.72 27.59
CA ARG D 380 -10.97 -24.68 26.66
C ARG D 380 -10.07 -25.91 26.53
N PRO E 2 2.48 28.89 20.88
CA PRO E 2 1.51 30.00 20.76
C PRO E 2 0.12 29.49 20.43
N SER E 3 -0.82 30.41 20.31
CA SER E 3 -2.19 30.01 20.04
C SER E 3 -2.98 31.11 19.38
N VAL E 4 -4.04 30.71 18.68
CA VAL E 4 -4.94 31.69 18.07
C VAL E 4 -6.29 31.04 17.74
N ASP E 5 -7.34 31.83 17.83
CA ASP E 5 -8.67 31.32 17.53
C ASP E 5 -8.98 31.39 16.03
N ILE E 6 -9.89 30.56 15.54
CA ILE E 6 -10.34 30.68 14.15
C ILE E 6 -11.49 31.68 14.04
N ASP E 7 -11.28 32.79 13.35
CA ASP E 7 -12.35 33.74 13.13
C ASP E 7 -13.30 33.23 12.04
N ALA E 8 -14.55 32.98 12.40
CA ALA E 8 -15.53 32.46 11.47
C ALA E 8 -16.68 33.42 11.38
N SER E 9 -16.53 34.58 12.01
CA SER E 9 -17.61 35.55 12.11
C SER E 9 -18.08 36.02 10.72
N GLN E 10 -17.12 36.37 9.86
CA GLN E 10 -17.44 36.82 8.51
C GLN E 10 -18.30 35.80 7.76
N TRP E 11 -17.90 34.54 7.87
CA TRP E 11 -18.59 33.44 7.20
C TRP E 11 -20.01 33.17 7.71
N GLN E 12 -20.22 33.33 9.01
CA GLN E 12 -21.53 33.04 9.61
C GLN E 12 -22.53 34.08 9.15
N LYS E 13 -22.05 35.29 8.90
CA LYS E 13 -22.96 36.33 8.46
C LYS E 13 -23.38 36.15 7.00
N LEU E 14 -22.40 35.98 6.10
CA LEU E 14 -22.73 35.78 4.70
C LEU E 14 -23.56 34.52 4.50
N THR E 15 -23.27 33.49 5.28
CA THR E 15 -24.07 32.27 5.30
C THR E 15 -25.27 32.39 6.23
N THR E 23 -26.65 24.31 -7.12
CA THR E 23 -25.45 24.28 -7.94
C THR E 23 -24.33 23.49 -7.25
N VAL E 24 -23.07 23.87 -7.54
CA VAL E 24 -21.86 23.37 -6.84
C VAL E 24 -20.84 24.48 -6.81
N ILE E 25 -21.38 25.68 -6.72
CA ILE E 25 -20.66 26.87 -6.40
C ILE E 25 -21.27 27.04 -5.02
N THR E 26 -20.43 27.30 -4.01
CA THR E 26 -20.96 27.57 -2.68
C THR E 26 -21.76 28.85 -2.78
N PRO E 27 -22.70 29.06 -1.83
CA PRO E 27 -23.41 30.34 -1.74
C PRO E 27 -22.46 31.53 -1.68
N LEU E 28 -21.27 31.34 -1.12
CA LEU E 28 -20.29 32.41 -1.02
C LEU E 28 -19.52 32.66 -2.32
N GLY E 29 -19.76 31.82 -3.32
CA GLY E 29 -19.15 31.98 -4.64
C GLY E 29 -17.87 31.20 -4.93
N MET E 30 -17.63 30.10 -4.22
CA MET E 30 -16.39 29.36 -4.47
C MET E 30 -16.59 27.92 -4.93
N MET E 31 -15.56 27.41 -5.59
CA MET E 31 -15.61 26.06 -6.08
C MET E 31 -14.22 25.49 -6.14
N MET E 32 -14.16 24.16 -6.19
CA MET E 32 -12.94 23.38 -6.11
C MET E 32 -12.84 22.57 -7.38
N LEU E 33 -11.79 22.80 -8.16
CA LEU E 33 -11.58 22.11 -9.43
C LEU E 33 -10.41 21.19 -9.34
N GLU E 34 -10.60 19.92 -9.69
CA GLU E 34 -9.53 18.95 -9.57
C GLU E 34 -9.27 18.23 -10.87
N ILE E 35 -8.00 18.11 -11.23
CA ILE E 35 -7.61 17.48 -12.48
C ILE E 35 -6.46 16.52 -12.25
N GLN E 36 -6.55 15.34 -12.83
CA GLN E 36 -5.45 14.38 -12.77
C GLN E 36 -4.35 14.72 -13.77
N GLY E 37 -3.56 15.73 -13.47
CA GLY E 37 -2.49 16.19 -14.35
C GLY E 37 -2.02 17.59 -14.00
N GLU E 38 -1.08 18.09 -14.80
CA GLU E 38 -0.65 19.48 -14.64
C GLU E 38 -1.34 20.40 -15.62
N LEU E 39 -1.81 21.52 -15.11
CA LEU E 39 -2.36 22.54 -15.95
C LEU E 39 -1.18 23.37 -16.42
N GLU E 40 -0.92 23.34 -17.73
CA GLU E 40 0.21 24.07 -18.30
C GLU E 40 -0.25 25.42 -18.82
N LEU E 41 0.11 26.46 -18.08
CA LEU E 41 -0.16 27.85 -18.45
C LEU E 41 1.16 28.48 -18.84
N PRO E 42 1.13 29.59 -19.57
CA PRO E 42 2.39 30.17 -20.00
C PRO E 42 3.20 30.77 -18.85
N LYS E 43 4.52 30.81 -18.99
CA LYS E 43 5.35 31.31 -17.90
C LYS E 43 5.26 32.84 -17.76
N ASP E 44 4.89 33.51 -18.84
CA ASP E 44 4.94 34.96 -18.89
C ASP E 44 3.62 35.54 -19.41
N PHE E 45 2.67 35.84 -18.52
CA PHE E 45 1.38 36.41 -18.90
C PHE E 45 1.54 37.77 -19.58
N ALA E 46 2.38 38.62 -19.01
CA ALA E 46 2.54 39.99 -19.47
C ALA E 46 2.91 40.04 -20.97
N SER E 47 3.85 39.19 -21.37
CA SER E 47 4.28 39.13 -22.77
C SER E 47 3.13 38.71 -23.67
N LEU E 48 2.47 37.61 -23.34
CA LEU E 48 1.41 37.11 -24.19
C LEU E 48 0.17 37.97 -24.18
N ALA E 49 -0.10 38.66 -23.09
CA ALA E 49 -1.29 39.50 -23.00
C ALA E 49 -1.12 40.64 -23.98
N ARG E 50 0.12 41.05 -24.14
CA ARG E 50 0.49 42.07 -25.13
C ARG E 50 0.05 41.68 -26.53
N ARG E 51 0.18 40.39 -26.83
CA ARG E 51 -0.07 39.87 -28.17
C ARG E 51 -1.52 39.36 -28.37
N ASP E 52 -2.42 39.76 -27.48
CA ASP E 52 -3.74 39.15 -27.34
C ASP E 52 -4.86 39.88 -28.09
N SER E 53 -5.41 39.22 -29.09
CA SER E 53 -6.55 39.70 -29.89
C SER E 53 -7.87 39.59 -29.11
N PRO E 54 -8.91 40.34 -29.51
CA PRO E 54 -10.14 40.34 -28.69
C PRO E 54 -11.46 39.53 -28.88
N ASN E 55 -11.82 38.61 -29.79
CA ASN E 55 -11.16 37.60 -30.63
C ASN E 55 -10.65 36.39 -29.86
N GLU E 56 -9.38 36.35 -29.46
CA GLU E 56 -8.96 35.23 -28.61
C GLU E 56 -9.49 35.38 -27.18
N GLY E 57 -9.43 36.60 -26.66
CA GLY E 57 -9.97 36.90 -25.35
C GLY E 57 -9.32 36.08 -24.25
N ARG E 58 -8.01 35.90 -24.33
CA ARG E 58 -7.33 35.02 -23.38
C ARG E 58 -6.86 35.75 -22.12
N PHE E 59 -6.71 37.06 -22.19
CA PHE E 59 -6.17 37.81 -21.05
C PHE E 59 -7.03 39.01 -20.73
N SER E 60 -7.22 39.30 -19.45
CA SER E 60 -7.95 40.48 -19.02
C SER E 60 -7.40 40.96 -17.67
N GLU E 61 -7.58 42.24 -17.38
CA GLU E 61 -7.19 42.74 -16.08
C GLU E 61 -8.39 42.76 -15.12
N GLN E 62 -8.23 42.16 -13.93
CA GLN E 62 -9.21 42.26 -12.85
C GLN E 62 -8.51 42.67 -11.55
N ASP E 63 -9.00 43.74 -10.92
CA ASP E 63 -8.44 44.28 -9.67
C ASP E 63 -6.89 44.27 -9.67
N GLY E 64 -6.30 44.79 -10.74
CA GLY E 64 -4.85 44.94 -10.83
C GLY E 64 -4.05 43.70 -11.22
N GLU E 65 -4.73 42.59 -11.49
CA GLU E 65 -4.06 41.35 -11.89
C GLU E 65 -4.43 40.96 -13.32
N THR E 66 -3.46 40.40 -14.03
CA THR E 66 -3.69 39.93 -15.38
C THR E 66 -4.08 38.46 -15.31
N LEU E 67 -5.31 38.18 -15.73
CA LEU E 67 -5.85 36.85 -15.63
C LEU E 67 -5.85 36.18 -17.00
N ILE E 68 -5.41 34.94 -17.05
CA ILE E 68 -5.51 34.19 -18.29
C ILE E 68 -6.83 33.41 -18.31
N ARG E 69 -7.52 33.38 -19.44
CA ARG E 69 -8.76 32.61 -19.58
C ARG E 69 -8.39 31.25 -20.15
N PHE E 70 -8.40 30.20 -19.33
CA PHE E 70 -7.80 28.95 -19.78
C PHE E 70 -8.76 27.85 -20.23
N GLY E 71 -10.04 28.00 -19.92
CA GLY E 71 -10.96 26.92 -20.23
C GLY E 71 -12.41 27.25 -20.04
N SER E 72 -13.27 26.27 -20.30
CA SER E 72 -14.69 26.42 -20.09
C SER E 72 -15.19 25.17 -19.42
N LEU E 73 -16.17 25.33 -18.54
CA LEU E 73 -16.71 24.21 -17.77
C LEU E 73 -18.18 24.12 -18.01
N GLN E 74 -18.63 22.93 -18.38
CA GLN E 74 -20.04 22.71 -18.64
C GLN E 74 -20.56 21.66 -17.67
N ILE E 75 -21.51 22.06 -16.82
CA ILE E 75 -22.13 21.12 -15.90
C ILE E 75 -23.51 20.63 -16.31
N ASP E 76 -23.68 19.30 -16.42
CA ASP E 76 -25.02 18.75 -16.56
C ASP E 76 -25.35 17.42 -15.78
N GLY E 77 -26.07 17.44 -14.67
CA GLY E 77 -25.94 18.39 -13.58
C GLY E 77 -24.90 17.70 -12.70
N GLU E 78 -24.75 16.39 -12.90
CA GLU E 78 -23.76 15.58 -12.22
C GLU E 78 -22.56 15.29 -13.14
N ARG E 79 -22.83 15.18 -14.44
CA ARG E 79 -21.77 15.12 -15.44
C ARG E 79 -21.16 16.50 -15.68
N ALA E 80 -19.89 16.53 -16.06
CA ALA E 80 -19.22 17.81 -16.30
C ALA E 80 -18.21 17.67 -17.44
N THR E 81 -18.00 18.75 -18.17
CA THR E 81 -17.04 18.75 -19.25
C THR E 81 -16.13 19.95 -19.12
N LEU E 82 -14.84 19.73 -19.36
CA LEU E 82 -13.86 20.79 -19.23
C LEU E 82 -13.14 20.96 -20.55
N PHE E 83 -13.24 22.16 -21.10
CA PHE E 83 -12.50 22.49 -22.29
C PHE E 83 -11.30 23.28 -21.81
N VAL E 84 -10.11 22.85 -22.21
CA VAL E 84 -8.92 23.58 -21.87
C VAL E 84 -8.22 24.06 -23.12
N GLY E 85 -7.95 25.35 -23.17
CA GLY E 85 -7.34 25.93 -24.34
C GLY E 85 -8.22 25.66 -25.53
N LYS E 86 -7.59 25.47 -26.68
CA LYS E 86 -8.25 25.36 -27.98
C LYS E 86 -8.51 23.92 -28.37
N LYS E 87 -7.74 23.02 -27.76
CA LYS E 87 -7.57 21.67 -28.31
C LYS E 87 -7.87 20.49 -27.40
N GLN E 88 -8.38 20.72 -26.21
CA GLN E 88 -8.57 19.61 -25.28
C GLN E 88 -9.95 19.60 -24.67
N ARG E 89 -10.50 18.41 -24.55
CA ARG E 89 -11.77 18.19 -23.88
C ARG E 89 -11.57 17.11 -22.79
N LEU E 90 -12.04 17.37 -21.58
CA LEU E 90 -11.96 16.41 -20.49
C LEU E 90 -13.33 16.17 -19.92
N LEU E 91 -13.68 14.91 -19.71
CA LEU E 91 -14.98 14.54 -19.15
C LEU E 91 -14.84 14.15 -17.66
N GLY E 92 -15.66 14.75 -16.80
CA GLY E 92 -15.52 14.48 -15.38
C GLY E 92 -16.86 14.43 -14.67
N LYS E 93 -16.82 14.58 -13.35
CA LYS E 93 -17.97 14.31 -12.48
C LYS E 93 -18.00 15.37 -11.40
N VAL E 94 -19.21 15.79 -11.06
CA VAL E 94 -19.43 16.59 -9.87
C VAL E 94 -19.67 15.62 -8.72
N THR E 95 -18.78 15.68 -7.73
CA THR E 95 -18.75 14.76 -6.59
C THR E 95 -18.93 15.46 -5.24
N LYS E 96 -19.77 14.87 -4.40
CA LYS E 96 -19.92 15.36 -3.04
C LYS E 96 -18.75 14.84 -2.21
N LEU E 97 -18.19 15.72 -1.39
CA LEU E 97 -17.08 15.31 -0.52
C LEU E 97 -17.61 14.52 0.67
N ASP E 98 -17.10 13.30 0.81
CA ASP E 98 -17.23 12.53 2.04
C ASP E 98 -16.95 13.40 3.26
N VAL E 99 -15.81 14.10 3.24
CA VAL E 99 -15.44 15.00 4.33
C VAL E 99 -15.28 16.40 3.79
N PRO E 100 -16.16 17.31 4.23
CA PRO E 100 -16.13 18.73 3.87
C PRO E 100 -14.79 19.38 4.22
N MET E 101 -14.43 20.39 3.42
CA MET E 101 -13.13 21.03 3.55
C MET E 101 -13.30 22.51 3.86
N GLY E 102 -12.65 22.93 4.93
CA GLY E 102 -12.63 24.34 5.27
C GLY E 102 -11.55 25.04 4.48
N ILE E 103 -11.87 26.18 3.90
CA ILE E 103 -10.84 26.98 3.27
C ILE E 103 -10.49 27.98 4.31
N MET E 104 -9.27 27.89 4.83
CA MET E 104 -8.85 28.89 5.79
C MET E 104 -7.70 29.74 5.30
N HIS E 105 -7.78 31.02 5.59
CA HIS E 105 -6.75 31.98 5.23
C HIS E 105 -5.86 32.27 6.43
N PHE E 106 -4.58 31.99 6.29
CA PHE E 106 -3.63 32.23 7.37
C PHE E 106 -2.90 33.55 7.14
N ASN E 107 -3.27 34.55 7.93
CA ASN E 107 -2.62 35.85 7.88
C ASN E 107 -1.34 35.81 8.69
N SER E 108 -0.20 35.77 8.00
CA SER E 108 1.08 35.53 8.66
C SER E 108 1.53 36.71 9.47
N LYS E 109 1.18 37.91 9.03
CA LYS E 109 1.53 39.14 9.72
C LYS E 109 1.02 39.18 11.15
N ASP E 110 -0.28 38.96 11.31
CA ASP E 110 -0.91 38.99 12.63
C ASP E 110 -1.03 37.62 13.27
N ASN E 111 -0.57 36.57 12.58
CA ASN E 111 -0.83 35.17 12.97
C ASN E 111 -2.29 34.99 13.31
N LYS E 112 -3.15 35.37 12.38
CA LYS E 112 -4.58 35.21 12.55
C LYS E 112 -5.09 34.32 11.42
N VAL E 113 -6.22 33.66 11.63
CA VAL E 113 -6.73 32.70 10.67
C VAL E 113 -8.21 32.91 10.47
N GLU E 114 -8.63 32.96 9.21
CA GLU E 114 -10.03 33.20 8.89
C GLU E 114 -10.60 31.98 8.18
N LEU E 115 -11.85 31.65 8.49
CA LEU E 115 -12.57 30.64 7.72
C LEU E 115 -13.15 31.35 6.50
N VAL E 116 -12.70 30.97 5.31
CA VAL E 116 -13.11 31.64 4.09
C VAL E 116 -14.39 31.04 3.54
N ASP E 117 -14.46 29.71 3.55
CA ASP E 117 -15.62 29.02 3.00
C ASP E 117 -15.56 27.58 3.37
N VAL E 118 -16.66 26.86 3.15
CA VAL E 118 -16.66 25.43 3.42
C VAL E 118 -17.06 24.70 2.15
N MET E 119 -16.17 23.82 1.69
CA MET E 119 -16.32 23.11 0.44
C MET E 119 -16.96 21.77 0.71
N LYS E 120 -18.08 21.53 0.03
CA LYS E 120 -18.84 20.29 0.18
C LYS E 120 -18.85 19.46 -1.09
N TYR E 121 -18.56 20.10 -2.22
CA TYR E 121 -18.51 19.46 -3.52
C TYR E 121 -17.22 19.84 -4.24
N LYS E 122 -16.82 19.01 -5.19
CA LYS E 122 -15.73 19.36 -6.07
C LYS E 122 -16.10 18.92 -7.48
N VAL E 123 -15.38 19.43 -8.47
CA VAL E 123 -15.51 18.90 -9.82
C VAL E 123 -14.17 18.33 -10.23
N ILE E 124 -14.16 17.04 -10.56
CA ILE E 124 -12.91 16.36 -10.76
C ILE E 124 -12.85 15.69 -12.14
N PHE E 125 -11.69 15.75 -12.76
CA PHE E 125 -11.47 15.20 -14.10
C PHE E 125 -10.27 14.27 -14.02
N LYS E 126 -10.55 12.97 -14.13
CA LYS E 126 -9.60 11.88 -13.85
C LYS E 126 -9.08 11.18 -15.11
N ASP E 127 -9.80 11.36 -16.23
CA ASP E 127 -9.53 10.58 -17.42
C ASP E 127 -8.80 11.37 -18.52
N ARG E 128 -8.06 10.64 -19.34
CA ARG E 128 -7.28 11.24 -20.41
C ARG E 128 -8.04 12.31 -21.20
N PRO E 129 -7.36 13.44 -21.49
CA PRO E 129 -7.92 14.49 -22.36
C PRO E 129 -8.26 13.94 -23.74
N LEU E 130 -9.41 14.32 -24.25
CA LEU E 130 -9.75 13.99 -25.63
C LEU E 130 -9.51 15.18 -26.55
N PRO E 131 -9.28 14.91 -27.83
CA PRO E 131 -9.40 15.90 -28.92
C PRO E 131 -10.86 16.39 -29.06
N ILE E 132 -11.12 17.54 -29.69
CA ILE E 132 -10.13 18.48 -30.21
C ILE E 132 -10.77 19.86 -30.18
N VAL F 53 -0.74 31.71 -27.97
CA VAL F 53 -0.98 31.22 -26.61
C VAL F 53 -1.30 29.74 -26.63
N LYS F 54 -0.52 28.96 -25.87
CA LYS F 54 -0.75 27.53 -25.76
C LYS F 54 -1.17 27.15 -24.35
N ILE F 55 -2.40 26.62 -24.23
CA ILE F 55 -2.92 26.22 -22.93
C ILE F 55 -3.36 24.76 -22.99
N TRP F 56 -2.82 23.92 -22.11
CA TRP F 56 -3.18 22.51 -22.11
C TRP F 56 -2.98 21.81 -20.74
N VAL F 57 -3.62 20.64 -20.59
CA VAL F 57 -3.36 19.70 -19.51
C VAL F 57 -2.34 18.62 -19.92
N LYS F 58 -1.25 18.51 -19.19
CA LYS F 58 -0.42 17.33 -19.29
C LYS F 58 -0.97 16.29 -18.30
N TYR F 59 -1.63 15.26 -18.84
CA TYR F 59 -2.28 14.21 -18.07
C TYR F 59 -1.31 13.41 -17.17
N ASN F 60 -1.73 13.12 -15.94
CA ASN F 60 -1.01 12.13 -15.13
C ASN F 60 -1.74 10.80 -15.23
N GLU F 61 -1.01 9.71 -15.44
CA GLU F 61 -1.62 8.41 -15.72
C GLU F 61 -2.38 7.91 -14.53
N GLY F 62 -1.91 8.23 -13.34
CA GLY F 62 -2.71 7.94 -12.17
C GLY F 62 -2.50 8.97 -11.08
N PHE F 63 -2.63 8.49 -9.84
CA PHE F 63 -2.78 9.39 -8.69
C PHE F 63 -1.91 8.93 -7.51
N SER F 64 -1.16 9.83 -6.93
CA SER F 64 -0.33 9.48 -5.83
C SER F 64 -0.62 10.29 -4.60
N ASN F 65 -0.80 9.61 -3.49
CA ASN F 65 -1.02 10.23 -2.21
C ASN F 65 0.19 9.91 -1.38
N ALA F 66 0.77 10.89 -0.74
CA ALA F 66 1.93 10.66 0.09
C ALA F 66 1.51 10.27 1.49
N VAL F 67 2.47 9.95 2.35
CA VAL F 67 2.14 9.60 3.70
C VAL F 67 1.93 10.90 4.41
N ARG F 68 1.06 10.89 5.39
CA ARG F 68 0.83 12.10 6.15
C ARG F 68 2.07 12.46 6.97
N LYS F 69 2.21 13.74 7.24
CA LYS F 69 3.36 14.30 7.93
C LYS F 69 2.88 15.14 9.07
N ASN F 70 3.73 15.36 10.05
CA ASN F 70 3.40 16.29 11.11
C ASN F 70 3.35 17.72 10.62
N VAL F 71 2.67 18.56 11.39
CA VAL F 71 2.50 19.98 11.08
C VAL F 71 3.04 20.81 12.23
N THR F 72 3.93 21.73 11.92
CA THR F 72 4.41 22.68 12.92
C THR F 72 3.67 24.00 12.77
N TRP F 73 3.84 24.88 13.75
CA TRP F 73 3.20 26.18 13.68
C TRP F 73 3.64 26.94 12.43
N ASN F 74 4.95 26.93 12.15
CA ASN F 74 5.51 27.54 10.95
C ASN F 74 4.94 26.94 9.64
N ASN F 75 4.51 25.69 9.64
CA ASN F 75 3.92 25.14 8.42
C ASN F 75 2.61 25.81 8.01
N LEU F 76 1.90 26.37 8.98
CA LEU F 76 0.63 27.04 8.73
C LEU F 76 0.77 28.52 8.39
N TRP F 77 1.77 29.16 8.96
CA TRP F 77 2.03 30.57 8.70
C TRP F 77 3.20 30.62 7.76
N GLU F 78 3.07 31.36 6.66
CA GLU F 78 4.11 31.42 5.64
C GLU F 78 4.44 30.03 5.14
#